data_9L3R
#
_entry.id   9L3R
#
_cell.length_a   90.890
_cell.length_b   109.080
_cell.length_c   142.440
_cell.angle_alpha   90.000
_cell.angle_beta   90.000
_cell.angle_gamma   90.000
#
_symmetry.space_group_name_H-M   'P 21 21 21'
#
loop_
_entity.id
_entity.type
_entity.pdbx_description
1 polymer 'Phosphatidylinositol 4,5-bisphosphate 3-kinase catalytic subunit delta isoform'
2 polymer 'Phosphatidylinositol 3-kinase regulatory subunit alpha'
3 non-polymer Zandelisib
4 water water
#
loop_
_entity_poly.entity_id
_entity_poly.type
_entity_poly.pdbx_seq_one_letter_code
_entity_poly.pdbx_strand_id
1 'polypeptide(L)'
;MPPGVDCPMEFWTKEENQSVVVDFLLPTGVYLNFPVSRNANLSTIKQLLWHRAQYEPLFHMLSGPEAYVFTCINQTAEQQ
ELEDEQRRLCDVQPFLPVLRLVAREGDRVKKLINSQISLLIGKGLHEFDSLCDPEVNDFRAKMCQFCEEAAARRQQLGWE
AWLQYSFPLQLEPSAQTWGPGTLRLPNRALLVNVKFEGSEESFTFQVSTKDVPLALMACALRKKATVFRQPLVEQPEDYT
LQVNGRHEYLYGSYPLCQFQYICSCLHSGLTPHLTMVHSSSILAMRDEQSNPAPQVQKPRAKPPPIPAKKPSSVSLWSLE
QPFRIELIQGSKVNADERMKLVVQAGLFHGNEMLCKTVSSSEVSVCSEPVWKQRLEFDINICDLPRMARLCFALYAVIEK
AKKARSTKKKSKKADCPIAWANLMLFDYKDQLKTGERCLYMWPSVPDEKGELLNPTGTVRSNPNTDSAAALLICLPEVAP
HPVYYPALEKILELGRHSECVHVTEEEQLQLREILERRGSGELYEHEKDLVWKLRHEVQEHFPEALARLLLVTKWNKHED
VAQMLYLLCSWPELPVLSALELLDFSFPDCHVGSFAIKSLRKLTDDELFQYLLQLVQVLKYESYLDCELTKFLLDRALAN
RKIGHFLFWHLRSEMHVPSVALRFGLILEAYCRGSTHHMKVLMKQGEALSKLKALNDFVKLSSQKTPKPQTKELMHLCMR
QEAYLEALSHLQSPLDPSTLLAEVCVEQCTFMDSKMKPLWIMYSNEEAGSGGSVGIIFKNGDDLRQDMLTLQMIQLMDVL
WKQEGLDLRMTPYGCLPTGDRTGLIEVVLRSDTIANIQLNKSNMAATAAFNKDALLNWLKSKNPGEALDRAIEEFTLSCA
GYCVATYVLGIGDRHSDNIMIRESGQLFHIDFGHFLGNFKTKFGINRERVPFILTYDFVHVIQQGKTNNSEKFERFRGYC
ERAYTILRRHGLLFLHLFALMRAAGLPELSCSKDIQYLKDSLALGKTEEEALKHFRVKFNEALRESWKTKVNWLAHNVSK
DNRQ
;
A
2 'polypeptide(L)'
;(ACE)MYQQDQVVKEDNIEAVGKKLHEYNTQFQEKSREYDRLYEDYTRTSQEIQMKRTAIEAFNETIKIFEEQCQTQERY
SKEYIEKFKREGNETEIQRIMHNYEKLKSRISEIVDSRRRLEEDLKKQAAEYREIDKRMNSIKPDLIQLRKTRDQYLMWL
TQKGVRQKKLNEWLGN
;
B
#
loop_
_chem_comp.id
_chem_comp.type
_chem_comp.name
_chem_comp.formula
A1L62 non-polymer Zandelisib 'C31 H38 F2 N8 O'
ACE non-polymer 'ACETYL GROUP' 'C2 H4 O'
#
# COMPACT_ATOMS: atom_id res chain seq x y z
N ASN A 17 32.60 -6.79 -19.89
CA ASN A 17 31.26 -6.31 -20.20
C ASN A 17 31.06 -4.88 -19.69
N GLN A 18 32.09 -4.05 -19.86
CA GLN A 18 32.04 -2.67 -19.39
C GLN A 18 31.54 -1.71 -20.45
N SER A 19 31.70 -2.03 -21.72
CA SER A 19 31.33 -1.15 -22.83
C SER A 19 29.98 -1.55 -23.40
N VAL A 20 29.35 -0.59 -24.07
CA VAL A 20 28.07 -0.81 -24.74
C VAL A 20 28.04 0.02 -26.02
N VAL A 21 27.57 -0.59 -27.10
CA VAL A 21 27.52 0.06 -28.41
C VAL A 21 26.26 0.93 -28.46
N VAL A 22 26.44 2.22 -28.76
CA VAL A 22 25.36 3.19 -28.72
C VAL A 22 25.15 3.78 -30.11
N ASP A 23 23.89 3.92 -30.50
CA ASP A 23 23.51 4.62 -31.73
C ASP A 23 23.26 6.09 -31.44
N PHE A 24 23.77 6.95 -32.32
CA PHE A 24 23.64 8.39 -32.17
C PHE A 24 22.98 8.97 -33.40
N LEU A 25 21.89 9.72 -33.19
CA LEU A 25 21.15 10.37 -34.28
C LEU A 25 21.35 11.88 -34.16
N LEU A 26 22.05 12.49 -35.17
CA LEU A 26 22.36 13.90 -35.21
C LEU A 26 21.28 14.69 -35.96
N PRO A 27 21.07 15.95 -35.59
CA PRO A 27 19.97 16.72 -36.20
C PRO A 27 20.10 16.91 -37.71
N THR A 28 21.27 16.66 -38.29
CA THR A 28 21.46 16.76 -39.73
C THR A 28 21.12 15.46 -40.45
N GLY A 29 20.60 14.46 -39.75
CA GLY A 29 20.32 13.18 -40.35
C GLY A 29 21.47 12.19 -40.33
N VAL A 30 22.66 12.62 -39.92
CA VAL A 30 23.82 11.74 -39.87
C VAL A 30 23.65 10.73 -38.73
N TYR A 31 24.12 9.50 -38.97
CA TYR A 31 24.00 8.41 -38.02
C TYR A 31 25.39 7.96 -37.60
N LEU A 32 25.60 7.78 -36.30
CA LEU A 32 26.88 7.37 -35.75
C LEU A 32 26.68 6.20 -34.80
N ASN A 33 27.73 5.40 -34.65
CA ASN A 33 27.63 4.14 -33.93
C ASN A 33 29.01 3.77 -33.41
N PHE A 34 29.20 3.84 -32.09
CA PHE A 34 30.47 3.47 -31.48
C PHE A 34 30.22 3.08 -30.03
N PRO A 35 31.10 2.28 -29.44
CA PRO A 35 30.93 1.86 -28.04
C PRO A 35 31.41 2.90 -27.04
N VAL A 36 30.62 3.07 -25.98
CA VAL A 36 30.99 3.89 -24.84
C VAL A 36 30.87 3.06 -23.58
N SER A 37 31.48 3.54 -22.50
CA SER A 37 31.41 2.83 -21.23
C SER A 37 30.02 2.97 -20.62
N ARG A 38 29.51 1.86 -20.08
CA ARG A 38 28.19 1.85 -19.46
C ARG A 38 28.11 2.80 -18.26
N ASN A 39 29.25 3.19 -17.69
CA ASN A 39 29.27 3.96 -16.47
C ASN A 39 29.58 5.43 -16.68
N ALA A 40 30.01 5.82 -17.89
CA ALA A 40 30.25 7.22 -18.17
C ALA A 40 28.93 7.99 -18.19
N ASN A 41 29.00 9.27 -17.83
CA ASN A 41 27.80 10.09 -17.80
C ASN A 41 27.56 10.73 -19.17
N LEU A 42 26.37 11.31 -19.33
CA LEU A 42 25.95 11.82 -20.63
C LEU A 42 26.82 12.96 -21.11
N SER A 43 27.40 13.73 -20.18
CA SER A 43 28.32 14.80 -20.58
C SER A 43 29.57 14.23 -21.22
N THR A 44 30.13 13.17 -20.65
CA THR A 44 31.29 12.53 -21.25
C THR A 44 30.93 11.91 -22.61
N ILE A 45 29.75 11.30 -22.70
CA ILE A 45 29.32 10.67 -23.94
C ILE A 45 29.13 11.72 -25.03
N LYS A 46 28.64 12.91 -24.66
CA LYS A 46 28.47 13.96 -25.66
C LYS A 46 29.82 14.46 -26.17
N GLN A 47 30.81 14.60 -25.28
CA GLN A 47 32.15 14.97 -25.73
C GLN A 47 32.74 13.91 -26.63
N LEU A 48 32.48 12.63 -26.33
CA LEU A 48 32.94 11.56 -27.21
C LEU A 48 32.23 11.64 -28.56
N LEU A 49 30.93 11.86 -28.55
CA LEU A 49 30.19 11.96 -29.80
C LEU A 49 30.68 13.13 -30.64
N TRP A 50 30.97 14.26 -30.00
CA TRP A 50 31.45 15.41 -30.76
C TRP A 50 32.86 15.17 -31.30
N HIS A 51 33.65 14.35 -30.61
CA HIS A 51 34.97 14.04 -31.14
C HIS A 51 34.91 13.12 -32.35
N ARG A 52 33.84 12.31 -32.47
CA ARG A 52 33.68 11.44 -33.62
C ARG A 52 32.87 12.08 -34.74
N ALA A 53 31.97 13.02 -34.41
CA ALA A 53 31.11 13.59 -35.42
C ALA A 53 31.87 14.52 -36.36
N GLN A 54 32.99 15.10 -35.91
CA GLN A 54 33.78 15.99 -36.74
C GLN A 54 34.41 15.29 -37.93
N TYR A 55 34.45 13.95 -37.93
CA TYR A 55 34.94 13.19 -39.06
C TYR A 55 33.81 12.56 -39.86
N GLU A 56 32.58 13.03 -39.66
CA GLU A 56 31.41 12.59 -40.39
C GLU A 56 30.82 13.76 -41.16
N PRO A 57 30.04 13.49 -42.21
CA PRO A 57 29.54 14.59 -43.06
C PRO A 57 28.64 15.55 -42.29
N LEU A 58 28.57 16.78 -42.80
CA LEU A 58 27.66 17.83 -42.34
C LEU A 58 27.95 18.26 -40.91
N PHE A 59 29.15 18.00 -40.39
CA PHE A 59 29.48 18.44 -39.04
C PHE A 59 29.52 19.97 -38.93
N HIS A 60 29.93 20.65 -40.00
CA HIS A 60 30.07 22.11 -39.99
C HIS A 60 28.74 22.83 -39.77
N MET A 61 27.62 22.13 -39.71
CA MET A 61 26.31 22.75 -39.53
C MET A 61 25.73 22.61 -38.14
N LEU A 62 26.22 21.67 -37.33
CA LEU A 62 25.75 21.57 -35.95
C LEU A 62 26.25 22.76 -35.15
N SER A 63 25.49 23.11 -34.11
CA SER A 63 25.91 24.13 -33.16
C SER A 63 26.85 23.48 -32.14
N GLY A 64 27.23 24.23 -31.11
CA GLY A 64 28.03 23.70 -30.04
C GLY A 64 27.30 22.60 -29.29
N PRO A 65 28.06 21.71 -28.65
CA PRO A 65 27.44 20.59 -27.92
C PRO A 65 26.40 21.04 -26.90
N GLU A 66 26.53 22.24 -26.34
CA GLU A 66 25.63 22.70 -25.30
C GLU A 66 24.32 23.25 -25.84
N ALA A 67 24.19 23.37 -27.17
CA ALA A 67 22.92 23.76 -27.75
C ALA A 67 21.93 22.61 -27.88
N TYR A 68 22.40 21.37 -27.70
CA TYR A 68 21.57 20.19 -27.86
C TYR A 68 21.44 19.45 -26.54
N VAL A 69 20.41 18.60 -26.47
CA VAL A 69 20.17 17.75 -25.31
C VAL A 69 19.84 16.34 -25.81
N PHE A 70 20.38 15.34 -25.13
CA PHE A 70 20.13 13.95 -25.50
C PHE A 70 18.66 13.59 -25.24
N THR A 71 18.16 12.66 -26.06
CA THR A 71 16.81 12.16 -25.93
C THR A 71 16.83 10.66 -26.19
N CYS A 72 16.06 9.92 -25.39
CA CYS A 72 16.06 8.47 -25.42
C CYS A 72 14.64 7.96 -25.17
N ILE A 73 14.48 6.64 -25.24
CA ILE A 73 13.25 5.96 -24.85
C ILE A 73 13.54 5.21 -23.56
N ASN A 74 12.91 5.62 -22.46
CA ASN A 74 13.23 5.08 -21.15
C ASN A 74 12.50 3.75 -20.95
N GLN A 75 12.61 3.18 -19.74
CA GLN A 75 12.05 1.86 -19.48
C GLN A 75 10.53 1.86 -19.54
N THR A 76 9.89 3.00 -19.29
CA THR A 76 8.44 3.11 -19.36
C THR A 76 7.94 3.43 -20.77
N ALA A 77 8.78 3.25 -21.80
CA ALA A 77 8.40 3.39 -23.21
C ALA A 77 7.99 4.82 -23.57
N GLU A 78 8.60 5.81 -22.94
CA GLU A 78 8.32 7.21 -23.23
C GLU A 78 9.58 7.92 -23.66
N GLN A 79 9.43 8.94 -24.50
CA GLN A 79 10.55 9.81 -24.83
C GLN A 79 10.91 10.65 -23.60
N GLN A 80 12.20 10.82 -23.38
CA GLN A 80 12.69 11.57 -22.22
C GLN A 80 13.90 12.39 -22.64
N GLU A 81 13.86 13.68 -22.33
CA GLU A 81 14.99 14.58 -22.60
C GLU A 81 15.97 14.48 -21.43
N LEU A 82 17.15 13.95 -21.70
CA LEU A 82 18.15 13.69 -20.67
C LEU A 82 18.86 14.99 -20.32
N GLU A 83 18.25 15.75 -19.41
CA GLU A 83 18.70 17.07 -19.02
C GLU A 83 19.88 17.02 -18.06
N ASP A 84 19.79 16.19 -17.03
CA ASP A 84 20.91 15.96 -16.11
C ASP A 84 21.98 15.16 -16.83
N GLU A 85 22.96 15.85 -17.41
CA GLU A 85 24.03 15.17 -18.12
C GLU A 85 25.11 14.62 -17.19
N GLN A 86 24.90 14.73 -15.87
CA GLN A 86 25.73 14.05 -14.89
C GLN A 86 25.26 12.63 -14.62
N ARG A 87 24.12 12.23 -15.17
CA ARG A 87 23.63 10.88 -14.99
C ARG A 87 24.45 9.91 -15.84
N ARG A 88 24.83 8.79 -15.24
CA ARG A 88 25.49 7.73 -15.99
C ARG A 88 24.50 7.07 -16.94
N LEU A 89 25.04 6.51 -18.03
CA LEU A 89 24.19 5.81 -18.99
C LEU A 89 23.50 4.61 -18.36
N CYS A 90 24.20 3.90 -17.47
CA CYS A 90 23.58 2.77 -16.78
C CYS A 90 22.45 3.22 -15.86
N ASP A 91 22.50 4.47 -15.39
CA ASP A 91 21.43 4.98 -14.55
C ASP A 91 20.27 5.51 -15.37
N VAL A 92 20.54 6.04 -16.57
CA VAL A 92 19.46 6.45 -17.47
C VAL A 92 18.61 5.26 -17.86
N GLN A 93 19.25 4.12 -18.12
CA GLN A 93 18.58 2.87 -18.51
C GLN A 93 17.67 3.06 -19.71
N PRO A 94 18.22 3.39 -20.89
CA PRO A 94 17.36 3.46 -22.08
C PRO A 94 16.91 2.06 -22.49
N PHE A 95 15.82 2.01 -23.26
CA PHE A 95 15.36 0.74 -23.78
C PHE A 95 16.44 0.11 -24.64
N LEU A 96 16.70 0.72 -25.78
CA LEU A 96 17.84 0.40 -26.62
C LEU A 96 18.87 1.51 -26.47
N PRO A 97 20.16 1.22 -26.70
CA PRO A 97 21.18 2.27 -26.61
C PRO A 97 21.09 3.25 -27.76
N VAL A 98 20.03 4.06 -27.80
CA VAL A 98 19.79 5.01 -28.87
C VAL A 98 19.64 6.40 -28.27
N LEU A 99 20.53 7.31 -28.64
CA LEU A 99 20.50 8.69 -28.16
C LEU A 99 20.32 9.64 -29.34
N ARG A 100 19.36 10.54 -29.23
CA ARG A 100 19.01 11.47 -30.30
C ARG A 100 19.24 12.90 -29.82
N LEU A 101 19.93 13.68 -30.63
CA LEU A 101 20.21 15.08 -30.31
C LEU A 101 19.04 15.95 -30.78
N VAL A 102 18.47 16.73 -29.87
CA VAL A 102 17.37 17.63 -30.16
C VAL A 102 17.67 18.99 -29.55
N ALA A 103 16.83 19.96 -29.87
CA ALA A 103 17.04 21.33 -29.44
C ALA A 103 16.59 21.54 -28.00
N ARG A 104 17.26 22.47 -27.32
CA ARG A 104 16.90 22.89 -25.96
C ARG A 104 15.79 23.94 -26.06
N GLU A 105 14.56 23.45 -26.24
CA GLU A 105 13.40 24.32 -26.39
C GLU A 105 12.21 23.72 -25.65
N GLY A 106 11.16 24.51 -25.54
CA GLY A 106 9.92 24.09 -24.88
C GLY A 106 9.86 24.54 -23.44
N ASP A 107 8.79 24.12 -22.77
CA ASP A 107 8.65 24.41 -21.35
C ASP A 107 9.81 23.83 -20.56
N ARG A 108 10.24 22.61 -20.93
CA ARG A 108 11.45 21.98 -20.40
C ARG A 108 11.27 21.60 -18.93
N VAL A 109 10.73 22.52 -18.12
CA VAL A 109 10.37 22.18 -16.76
C VAL A 109 9.20 21.19 -16.75
N LYS A 110 8.19 21.44 -17.58
CA LYS A 110 7.04 20.54 -17.64
C LYS A 110 7.42 19.19 -18.25
N LYS A 111 8.25 19.21 -19.31
CA LYS A 111 8.73 17.96 -19.87
C LYS A 111 9.58 17.19 -18.87
N LEU A 112 10.32 17.90 -18.02
CA LEU A 112 11.16 17.23 -17.03
C LEU A 112 10.30 16.50 -16.00
N ILE A 113 9.34 17.19 -15.39
CA ILE A 113 8.52 16.57 -14.36
C ILE A 113 7.67 15.46 -14.96
N ASN A 114 7.20 15.64 -16.20
CA ASN A 114 6.41 14.61 -16.86
C ASN A 114 7.20 13.31 -17.01
N SER A 115 8.49 13.43 -17.34
CA SER A 115 9.32 12.24 -17.51
C SER A 115 9.70 11.61 -16.18
N GLN A 116 10.13 12.43 -15.21
CA GLN A 116 10.48 11.88 -13.90
C GLN A 116 9.28 11.26 -13.20
N ILE A 117 8.08 11.78 -13.46
CA ILE A 117 6.89 11.19 -12.85
C ILE A 117 6.68 9.77 -13.34
N SER A 118 6.81 9.55 -14.65
CA SER A 118 6.56 8.23 -15.22
C SER A 118 7.55 7.20 -14.67
N LEU A 119 8.79 7.62 -14.42
CA LEU A 119 9.79 6.71 -13.87
C LEU A 119 9.61 6.52 -12.36
N LEU A 120 8.99 7.47 -11.68
CA LEU A 120 8.89 7.39 -10.23
C LEU A 120 7.72 6.53 -9.78
N ILE A 121 6.60 6.58 -10.50
CA ILE A 121 5.39 5.90 -10.04
C ILE A 121 5.28 4.55 -10.72
N GLY A 122 6.33 4.17 -11.46
CA GLY A 122 6.39 2.88 -12.13
C GLY A 122 5.35 2.67 -13.20
N LYS A 123 4.76 3.73 -13.76
CA LYS A 123 3.80 3.61 -14.84
C LYS A 123 3.91 4.84 -15.73
N GLY A 124 3.95 4.62 -17.04
CA GLY A 124 4.04 5.73 -17.97
C GLY A 124 2.75 6.53 -18.00
N LEU A 125 2.88 7.85 -18.09
CA LEU A 125 1.70 8.70 -18.15
C LEU A 125 0.92 8.49 -19.44
N HIS A 126 1.61 8.10 -20.51
CA HIS A 126 0.93 7.85 -21.79
C HIS A 126 -0.10 6.75 -21.67
N GLU A 127 0.10 5.82 -20.74
CA GLU A 127 -0.87 4.74 -20.56
C GLU A 127 -2.22 5.29 -20.13
N PHE A 128 -2.24 6.43 -19.44
CA PHE A 128 -3.50 7.08 -19.12
C PHE A 128 -4.15 7.66 -20.37
N ASP A 129 -3.36 8.36 -21.20
CA ASP A 129 -3.91 8.93 -22.43
C ASP A 129 -4.45 7.85 -23.36
N SER A 130 -3.72 6.74 -23.50
CA SER A 130 -4.14 5.66 -24.38
C SER A 130 -5.47 5.06 -23.97
N LEU A 131 -5.85 5.17 -22.69
CA LEU A 131 -7.14 4.62 -22.25
C LEU A 131 -8.30 5.32 -22.95
N CYS A 132 -8.12 6.58 -23.34
CA CYS A 132 -9.18 7.37 -23.99
C CYS A 132 -10.45 7.38 -23.15
N ASP A 133 -10.27 7.56 -21.84
CA ASP A 133 -11.39 7.60 -20.90
C ASP A 133 -11.60 9.03 -20.44
N PRO A 134 -12.77 9.62 -20.69
CA PRO A 134 -13.01 10.99 -20.19
C PRO A 134 -12.93 11.10 -18.67
N GLU A 135 -13.28 10.06 -17.93
CA GLU A 135 -13.15 10.12 -16.47
C GLU A 135 -11.69 10.24 -16.07
N VAL A 136 -10.80 9.52 -16.76
CA VAL A 136 -9.38 9.62 -16.47
C VAL A 136 -8.87 11.01 -16.79
N ASN A 137 -9.18 11.51 -17.98
CA ASN A 137 -8.68 12.82 -18.39
C ASN A 137 -9.25 13.93 -17.51
N ASP A 138 -10.54 13.84 -17.16
CA ASP A 138 -11.12 14.84 -16.27
C ASP A 138 -10.46 14.80 -14.89
N PHE A 139 -10.14 13.60 -14.40
CA PHE A 139 -9.47 13.48 -13.12
C PHE A 139 -8.10 14.15 -13.16
N ARG A 140 -7.27 13.77 -14.14
CA ARG A 140 -5.93 14.34 -14.23
C ARG A 140 -5.99 15.86 -14.35
N ALA A 141 -6.86 16.37 -15.21
CA ALA A 141 -6.94 17.81 -15.42
C ALA A 141 -7.32 18.54 -14.13
N LYS A 142 -8.35 18.05 -13.44
CA LYS A 142 -8.79 18.70 -12.21
C LYS A 142 -7.78 18.50 -11.08
N MET A 143 -7.33 17.26 -10.87
CA MET A 143 -6.49 16.97 -9.71
C MET A 143 -5.11 17.61 -9.85
N CYS A 144 -4.50 17.51 -11.04
CA CYS A 144 -3.21 18.14 -11.25
C CYS A 144 -3.31 19.65 -11.17
N GLN A 145 -4.46 20.21 -11.55
CA GLN A 145 -4.67 21.64 -11.42
C GLN A 145 -4.64 22.06 -9.95
N PHE A 146 -5.47 21.42 -9.13
CA PHE A 146 -5.53 21.77 -7.71
C PHE A 146 -4.18 21.55 -7.03
N CYS A 147 -3.48 20.47 -7.36
CA CYS A 147 -2.21 20.18 -6.71
C CYS A 147 -1.16 21.23 -7.06
N GLU A 148 -1.07 21.60 -8.35
CA GLU A 148 -0.15 22.67 -8.73
C GLU A 148 -0.52 23.99 -8.05
N GLU A 149 -1.81 24.23 -7.84
CA GLU A 149 -2.24 25.43 -7.13
C GLU A 149 -1.69 25.46 -5.71
N ALA A 150 -1.86 24.36 -4.97
CA ALA A 150 -1.38 24.31 -3.59
C ALA A 150 0.13 24.43 -3.53
N ALA A 151 0.83 23.81 -4.48
CA ALA A 151 2.29 23.92 -4.51
C ALA A 151 2.73 25.36 -4.74
N ALA A 152 2.00 26.11 -5.57
CA ALA A 152 2.35 27.50 -5.82
C ALA A 152 2.06 28.37 -4.60
N ARG A 153 0.97 28.09 -3.89
CA ARG A 153 0.67 28.84 -2.68
C ARG A 153 1.70 28.57 -1.59
N ARG A 154 2.17 27.33 -1.48
CA ARG A 154 3.17 26.98 -0.47
C ARG A 154 4.47 27.73 -0.70
N GLN A 155 4.84 27.98 -1.96
CA GLN A 155 6.08 28.69 -2.25
C GLN A 155 6.02 30.16 -1.83
N GLN A 156 4.82 30.69 -1.57
CA GLN A 156 4.69 32.08 -1.13
C GLN A 156 4.70 32.22 0.38
N LEU A 157 4.35 31.16 1.11
CA LEU A 157 4.23 31.24 2.57
C LEU A 157 5.57 31.58 3.20
N GLY A 158 5.51 32.10 4.42
CA GLY A 158 6.70 32.50 5.14
C GLY A 158 7.60 31.32 5.46
N TRP A 159 8.81 31.66 5.93
CA TRP A 159 9.79 30.63 6.23
C TRP A 159 9.35 29.75 7.38
N GLU A 160 8.60 30.29 8.34
CA GLU A 160 8.09 29.46 9.43
C GLU A 160 7.03 28.49 8.93
N ALA A 161 6.19 28.93 7.98
CA ALA A 161 5.18 28.04 7.43
C ALA A 161 5.82 26.94 6.59
N TRP A 162 6.88 27.25 5.86
CA TRP A 162 7.55 26.23 5.06
C TRP A 162 8.30 25.24 5.94
N LEU A 163 8.97 25.74 6.99
CA LEU A 163 9.61 24.84 7.95
C LEU A 163 8.58 23.92 8.59
N GLN A 164 7.36 24.41 8.82
CA GLN A 164 6.27 23.54 9.24
C GLN A 164 6.02 22.46 8.20
N TYR A 165 5.68 22.87 6.97
CA TYR A 165 5.27 21.92 5.95
C TYR A 165 6.31 20.83 5.75
N SER A 166 7.58 21.20 5.64
CA SER A 166 8.61 20.23 5.30
C SER A 166 8.98 19.33 6.48
N PHE A 167 8.94 19.85 7.71
CA PHE A 167 9.29 19.07 8.88
C PHE A 167 8.31 19.37 10.02
N PRO A 168 7.17 18.70 10.05
CA PRO A 168 6.24 18.88 11.17
C PRO A 168 6.82 18.37 12.47
N LEU A 169 6.34 18.96 13.57
CA LEU A 169 6.87 18.64 14.89
C LEU A 169 6.62 17.18 15.25
N GLN A 170 7.66 16.51 15.75
CA GLN A 170 7.56 15.15 16.25
C GLN A 170 7.47 15.24 17.77
N LEU A 171 6.25 15.11 18.30
CA LEU A 171 5.97 15.38 19.71
C LEU A 171 5.49 14.11 20.40
N GLU A 172 5.72 14.04 21.71
CA GLU A 172 5.18 12.99 22.53
C GLU A 172 3.70 13.22 22.79
N PRO A 173 2.92 12.15 23.00
CA PRO A 173 1.50 12.36 23.35
C PRO A 173 1.31 13.10 24.66
N SER A 174 2.17 12.85 25.65
CA SER A 174 2.09 13.52 26.96
C SER A 174 0.73 13.35 27.61
N LEU A 185 4.55 15.24 33.65
CA LEU A 185 5.78 15.87 33.18
C LEU A 185 6.46 16.65 34.30
N PRO A 186 7.59 16.15 34.77
CA PRO A 186 8.30 16.81 35.88
C PRO A 186 9.06 18.04 35.39
N ASN A 187 9.72 18.70 36.35
CA ASN A 187 10.41 19.95 36.08
C ASN A 187 11.92 19.80 36.24
N ARG A 188 12.53 18.94 35.42
CA ARG A 188 13.97 18.71 35.50
C ARG A 188 14.72 19.80 34.73
N ALA A 189 16.05 19.79 34.88
CA ALA A 189 16.93 20.71 34.15
C ALA A 189 18.21 19.97 33.81
N LEU A 190 18.59 20.00 32.53
CA LEU A 190 19.80 19.34 32.06
C LEU A 190 20.44 20.21 30.99
N LEU A 191 21.72 19.95 30.74
CA LEU A 191 22.49 20.75 29.79
C LEU A 191 22.23 20.30 28.35
N VAL A 192 22.63 21.16 27.41
CA VAL A 192 22.42 20.91 25.99
C VAL A 192 23.55 21.59 25.23
N ASN A 193 24.00 20.94 24.15
CA ASN A 193 25.08 21.45 23.31
C ASN A 193 24.44 22.14 22.09
N VAL A 194 24.51 23.47 22.07
CA VAL A 194 23.97 24.27 20.97
C VAL A 194 25.12 24.74 20.11
N LYS A 195 25.05 24.46 18.82
CA LYS A 195 26.09 24.80 17.85
C LYS A 195 25.53 25.75 16.81
N PHE A 196 26.43 26.50 16.17
CA PHE A 196 26.09 27.38 15.07
C PHE A 196 26.58 26.81 13.75
N GLU A 197 26.06 27.36 12.66
CA GLU A 197 26.33 26.79 11.34
C GLU A 197 27.75 27.13 10.90
N GLY A 198 28.49 26.11 10.49
CA GLY A 198 29.84 26.30 10.00
C GLY A 198 30.87 26.67 11.04
N SER A 199 30.62 26.33 12.31
CA SER A 199 31.54 26.68 13.39
C SER A 199 31.71 25.48 14.29
N GLU A 200 32.96 24.99 14.40
CA GLU A 200 33.24 23.88 15.29
C GLU A 200 33.03 24.27 16.75
N GLU A 201 33.15 25.55 17.06
CA GLU A 201 32.88 26.03 18.41
C GLU A 201 31.40 25.84 18.75
N SER A 202 31.14 25.36 19.96
CA SER A 202 29.78 25.06 20.40
C SER A 202 29.65 25.44 21.87
N PHE A 203 28.51 26.04 22.21
CA PHE A 203 28.24 26.49 23.57
C PHE A 203 27.34 25.47 24.26
N THR A 204 27.78 24.98 25.42
CA THR A 204 27.01 24.03 26.22
C THR A 204 26.50 24.76 27.46
N PHE A 205 25.19 24.66 27.70
CA PHE A 205 24.58 25.30 28.85
C PHE A 205 23.34 24.53 29.27
N GLN A 206 22.92 24.75 30.50
CA GLN A 206 21.78 24.04 31.08
C GLN A 206 20.49 24.80 30.83
N VAL A 207 19.40 24.04 30.66
CA VAL A 207 18.07 24.59 30.46
C VAL A 207 17.07 23.74 31.23
N SER A 208 15.88 24.30 31.43
CA SER A 208 14.81 23.59 32.10
C SER A 208 14.01 22.77 31.09
N THR A 209 13.53 21.60 31.54
CA THR A 209 12.76 20.73 30.67
C THR A 209 11.42 21.31 30.27
N LYS A 210 11.01 22.44 30.86
CA LYS A 210 9.76 23.10 30.50
C LYS A 210 9.99 24.44 29.81
N ASP A 211 11.17 24.63 29.22
CA ASP A 211 11.45 25.85 28.48
C ASP A 211 10.89 25.74 27.06
N VAL A 212 10.24 26.79 26.60
CA VAL A 212 9.84 26.84 25.18
C VAL A 212 11.09 27.03 24.33
N PRO A 213 11.19 26.41 23.16
CA PRO A 213 12.46 26.46 22.40
C PRO A 213 12.91 27.88 22.06
N LEU A 214 11.99 28.85 22.01
CA LEU A 214 12.39 30.24 21.84
C LEU A 214 13.18 30.74 23.04
N ALA A 215 12.86 30.25 24.24
CA ALA A 215 13.59 30.69 25.44
C ALA A 215 15.04 30.20 25.41
N LEU A 216 15.23 28.93 25.09
CA LEU A 216 16.59 28.41 24.91
C LEU A 216 17.26 29.06 23.71
N MET A 217 16.48 29.49 22.73
CA MET A 217 17.02 30.14 21.54
C MET A 217 17.79 31.40 21.91
N ALA A 218 17.16 32.30 22.67
CA ALA A 218 17.80 33.55 23.05
C ALA A 218 19.01 33.32 23.94
N CYS A 219 19.08 32.19 24.64
CA CYS A 219 20.22 31.92 25.51
C CYS A 219 21.51 31.74 24.71
N ALA A 220 21.47 30.89 23.68
CA ALA A 220 22.65 30.69 22.84
C ALA A 220 23.02 31.95 22.09
N LEU A 221 22.06 32.85 21.88
CA LEU A 221 22.35 34.11 21.19
C LEU A 221 23.21 35.02 22.04
N ARG A 222 22.76 35.33 23.26
CA ARG A 222 23.55 36.19 24.14
C ARG A 222 24.89 35.55 24.50
N LYS A 223 25.03 34.23 24.33
CA LYS A 223 26.31 33.57 24.49
C LYS A 223 27.23 33.82 23.29
N LYS A 224 26.66 33.92 22.08
CA LYS A 224 27.48 34.09 20.89
C LYS A 224 28.03 35.50 20.79
N ALA A 225 27.22 36.50 21.11
CA ALA A 225 27.64 37.89 20.97
C ALA A 225 28.60 38.35 22.06
N THR A 226 28.82 37.54 23.09
CA THR A 226 29.72 37.89 24.19
C THR A 226 30.90 36.93 24.29
N VAL A 227 31.27 36.26 23.20
CA VAL A 227 32.43 35.38 23.18
C VAL A 227 33.31 35.71 21.98
N VAL A 233 24.59 40.91 16.64
CA VAL A 233 23.53 41.23 17.59
C VAL A 233 22.17 40.94 16.94
N GLU A 234 21.99 39.69 16.53
CA GLU A 234 20.79 39.24 15.84
C GLU A 234 19.69 38.93 16.87
N GLN A 235 18.52 38.52 16.38
CA GLN A 235 17.33 38.33 17.19
C GLN A 235 16.93 36.86 17.23
N PRO A 236 16.41 36.37 18.36
CA PRO A 236 16.07 34.93 18.45
C PRO A 236 15.04 34.47 17.42
N GLU A 237 13.91 35.17 17.31
CA GLU A 237 12.82 34.79 16.39
C GLU A 237 13.22 34.79 14.91
N ASP A 238 14.48 35.02 14.57
CA ASP A 238 14.96 34.91 13.20
C ASP A 238 15.68 33.59 12.95
N TYR A 239 15.82 32.75 13.96
CA TYR A 239 16.55 31.49 13.90
C TYR A 239 15.60 30.33 14.20
N THR A 240 16.14 29.11 14.09
CA THR A 240 15.43 27.90 14.45
C THR A 240 16.45 26.86 14.90
N LEU A 241 15.95 25.76 15.47
CA LEU A 241 16.79 24.73 16.06
C LEU A 241 16.65 23.43 15.27
N GLN A 242 17.78 22.81 14.96
CA GLN A 242 17.82 21.56 14.20
C GLN A 242 18.61 20.52 14.98
N VAL A 243 18.14 19.28 14.95
CA VAL A 243 18.85 18.17 15.57
C VAL A 243 20.03 17.79 14.68
N ASN A 244 21.20 17.62 15.30
CA ASN A 244 22.42 17.34 14.56
C ASN A 244 22.33 16.01 13.84
N GLY A 245 22.54 16.02 12.52
CA GLY A 245 22.52 14.81 11.73
C GLY A 245 21.16 14.33 11.31
N ARG A 246 20.11 15.14 11.49
CA ARG A 246 18.76 14.73 11.19
C ARG A 246 17.97 15.92 10.67
N HIS A 247 16.96 15.65 9.85
CA HIS A 247 16.03 16.68 9.40
C HIS A 247 14.84 16.78 10.36
N GLU A 248 15.17 17.02 11.62
CA GLU A 248 14.19 17.22 12.69
C GLU A 248 14.45 18.56 13.33
N TYR A 249 13.39 19.37 13.48
CA TYR A 249 13.52 20.72 13.97
C TYR A 249 12.69 20.94 15.22
N LEU A 250 13.17 21.80 16.09
CA LEU A 250 12.52 22.12 17.36
C LEU A 250 12.05 23.56 17.33
N TYR A 251 10.74 23.75 17.47
CA TYR A 251 10.12 25.07 17.43
C TYR A 251 8.70 24.94 17.97
N GLY A 252 7.98 26.05 17.97
CA GLY A 252 6.60 26.06 18.39
C GLY A 252 6.43 26.54 19.83
N SER A 253 5.17 26.59 20.25
CA SER A 253 4.81 27.01 21.60
C SER A 253 4.71 25.84 22.57
N TYR A 254 5.54 24.80 22.40
CA TYR A 254 5.49 23.61 23.24
C TYR A 254 6.67 23.60 24.21
N PRO A 255 6.50 22.97 25.38
CA PRO A 255 7.65 22.79 26.28
C PRO A 255 8.67 21.85 25.68
N LEU A 256 9.94 22.02 26.09
CA LEU A 256 11.01 21.20 25.53
C LEU A 256 10.82 19.73 25.82
N CYS A 257 10.19 19.39 26.95
CA CYS A 257 10.05 17.99 27.35
C CYS A 257 9.14 17.22 26.42
N GLN A 258 8.18 17.90 25.77
CA GLN A 258 7.22 17.22 24.92
C GLN A 258 7.80 16.78 23.58
N PHE A 259 9.03 17.17 23.26
CA PHE A 259 9.63 16.82 21.97
C PHE A 259 10.18 15.41 22.01
N GLN A 260 10.14 14.73 20.87
CA GLN A 260 10.57 13.34 20.80
C GLN A 260 12.06 13.21 21.07
N TYR A 261 12.87 14.07 20.43
CA TYR A 261 14.32 13.99 20.60
C TYR A 261 14.74 14.34 22.02
N ILE A 262 14.11 15.35 22.61
CA ILE A 262 14.48 15.77 23.97
C ILE A 262 14.04 14.72 24.98
N CYS A 263 12.79 14.29 24.91
CA CYS A 263 12.27 13.29 25.84
C CYS A 263 13.09 12.01 25.79
N SER A 264 13.51 11.60 24.58
CA SER A 264 14.38 10.44 24.46
C SER A 264 15.76 10.70 25.05
N CYS A 265 16.23 11.94 24.98
CA CYS A 265 17.55 12.28 25.51
C CYS A 265 17.60 12.15 27.03
N LEU A 266 16.49 12.44 27.71
CA LEU A 266 16.48 12.36 29.17
C LEU A 266 16.55 10.91 29.64
N HIS A 267 15.71 10.04 29.07
CA HIS A 267 15.70 8.64 29.49
C HIS A 267 17.00 7.94 29.09
N SER A 268 17.50 8.22 27.88
CA SER A 268 18.77 7.63 27.46
C SER A 268 19.96 8.17 28.23
N GLY A 269 19.83 9.37 28.82
CA GLY A 269 20.92 9.99 29.53
C GLY A 269 21.84 10.85 28.68
N LEU A 270 21.74 10.74 27.36
CA LEU A 270 22.60 11.53 26.48
C LEU A 270 22.20 13.00 26.50
N THR A 271 23.20 13.87 26.36
CA THR A 271 22.93 15.30 26.29
C THR A 271 22.60 15.71 24.86
N PRO A 272 21.56 16.50 24.64
CA PRO A 272 21.14 16.82 23.27
C PRO A 272 22.22 17.60 22.51
N HIS A 273 22.13 17.50 21.19
CA HIS A 273 23.07 18.17 20.29
C HIS A 273 22.26 18.90 19.22
N LEU A 274 22.19 20.22 19.34
CA LEU A 274 21.36 21.04 18.47
C LEU A 274 22.23 21.99 17.66
N THR A 275 21.64 22.53 16.59
CA THR A 275 22.33 23.41 15.67
C THR A 275 21.53 24.69 15.48
N MET A 276 22.23 25.83 15.52
CA MET A 276 21.62 27.14 15.31
C MET A 276 21.50 27.41 13.81
N VAL A 277 20.28 27.63 13.32
CA VAL A 277 20.04 27.81 11.89
C VAL A 277 19.30 29.12 11.66
N HIS A 278 19.90 30.00 10.85
CA HIS A 278 19.25 31.24 10.46
C HIS A 278 18.10 30.97 9.50
N SER A 279 17.09 31.84 9.54
CA SER A 279 15.97 31.73 8.61
C SER A 279 16.45 31.76 7.17
N SER A 280 17.40 32.66 6.86
CA SER A 280 17.91 32.77 5.49
C SER A 280 18.41 31.43 4.96
N SER A 281 18.90 30.56 5.84
CA SER A 281 19.30 29.22 5.42
C SER A 281 18.09 28.33 5.11
N ILE A 282 16.91 28.67 5.66
CA ILE A 282 15.71 27.89 5.39
C ILE A 282 15.12 28.27 4.03
N LEU A 283 15.17 29.55 3.67
CA LEU A 283 14.69 29.96 2.36
C LEU A 283 15.47 29.27 1.24
N ALA A 284 16.75 28.99 1.47
CA ALA A 284 17.53 28.26 0.47
C ALA A 284 16.98 26.85 0.24
N MET A 285 16.50 26.21 1.32
CA MET A 285 15.84 24.92 1.18
C MET A 285 14.53 25.07 0.41
N ARG A 286 13.78 26.13 0.70
CA ARG A 286 12.50 26.37 0.04
C ARG A 286 12.65 26.68 -1.43
N ASP A 287 13.82 27.15 -1.86
CA ASP A 287 14.08 27.50 -3.25
C ASP A 287 15.06 26.49 -3.84
N GLU A 288 14.54 25.56 -4.63
CA GLU A 288 15.36 24.55 -5.28
C GLU A 288 14.66 23.97 -6.51
N SER A 312 -32.90 19.30 -22.34
CA SER A 312 -32.05 18.40 -21.56
C SER A 312 -32.68 18.11 -20.20
N SER A 313 -33.93 17.67 -20.19
CA SER A 313 -34.64 17.42 -18.94
C SER A 313 -35.68 16.32 -19.17
N VAL A 314 -35.26 15.07 -19.00
CA VAL A 314 -36.15 13.92 -18.96
C VAL A 314 -35.95 13.28 -17.59
N SER A 315 -36.84 13.58 -16.66
CA SER A 315 -36.66 13.17 -15.27
C SER A 315 -36.56 11.65 -15.14
N LEU A 316 -35.66 11.20 -14.27
CA LEU A 316 -35.46 9.76 -14.09
C LEU A 316 -36.63 9.13 -13.35
N TRP A 317 -37.19 9.84 -12.38
CA TRP A 317 -38.25 9.29 -11.55
C TRP A 317 -39.58 9.15 -12.28
N SER A 318 -39.67 9.56 -13.54
CA SER A 318 -40.86 9.38 -14.35
C SER A 318 -40.75 8.20 -15.29
N LEU A 319 -39.76 7.34 -15.08
CA LEU A 319 -39.43 6.27 -16.00
C LEU A 319 -39.73 4.93 -15.32
N GLU A 320 -41.02 4.63 -15.21
CA GLU A 320 -41.50 3.51 -14.39
C GLU A 320 -41.23 2.14 -15.01
N GLN A 321 -40.59 2.06 -16.18
CA GLN A 321 -40.34 0.76 -16.76
C GLN A 321 -39.28 0.00 -15.96
N PRO A 322 -39.30 -1.32 -16.00
CA PRO A 322 -38.30 -2.10 -15.26
C PRO A 322 -36.94 -2.03 -15.93
N PHE A 323 -35.92 -2.39 -15.16
CA PHE A 323 -34.55 -2.39 -15.64
C PHE A 323 -34.26 -3.67 -16.40
N ARG A 324 -33.44 -3.53 -17.45
CA ARG A 324 -33.13 -4.66 -18.32
C ARG A 324 -31.82 -4.39 -19.02
N ILE A 325 -31.11 -5.46 -19.38
CA ILE A 325 -29.89 -5.38 -20.18
C ILE A 325 -29.94 -6.45 -21.25
N GLU A 326 -29.11 -6.28 -22.27
CA GLU A 326 -29.00 -7.24 -23.37
C GLU A 326 -27.64 -7.91 -23.27
N LEU A 327 -27.64 -9.18 -22.85
CA LEU A 327 -26.40 -9.96 -22.83
C LEU A 327 -26.17 -10.46 -24.25
N ILE A 328 -24.97 -10.25 -24.78
CA ILE A 328 -24.70 -10.56 -26.18
C ILE A 328 -23.75 -11.74 -26.31
N GLN A 329 -22.49 -11.52 -25.95
CA GLN A 329 -21.43 -12.46 -26.28
C GLN A 329 -20.35 -12.44 -25.20
N GLY A 330 -19.67 -13.58 -25.05
CA GLY A 330 -18.45 -13.67 -24.28
C GLY A 330 -17.25 -13.84 -25.21
N SER A 331 -16.06 -13.72 -24.63
CA SER A 331 -14.83 -13.82 -25.41
C SER A 331 -13.71 -14.38 -24.55
N LYS A 332 -12.82 -15.13 -25.19
CA LYS A 332 -11.61 -15.66 -24.56
C LYS A 332 -11.93 -16.42 -23.27
N VAL A 333 -12.90 -17.33 -23.37
CA VAL A 333 -13.29 -18.16 -22.24
C VAL A 333 -12.53 -19.48 -22.32
N ASN A 334 -11.95 -19.89 -21.19
CA ASN A 334 -11.16 -21.12 -21.10
C ASN A 334 -11.78 -21.99 -20.02
N ALA A 335 -12.61 -22.96 -20.43
CA ALA A 335 -13.31 -23.82 -19.49
C ALA A 335 -13.33 -25.25 -20.03
N ASP A 336 -13.93 -26.15 -19.26
CA ASP A 336 -14.03 -27.54 -19.67
C ASP A 336 -15.03 -27.69 -20.80
N GLU A 337 -14.60 -28.37 -21.88
CA GLU A 337 -15.42 -28.46 -23.09
C GLU A 337 -16.72 -29.23 -22.87
N ARG A 338 -16.79 -30.06 -21.83
CA ARG A 338 -17.97 -30.90 -21.61
C ARG A 338 -19.06 -30.20 -20.81
N MET A 339 -18.79 -29.02 -20.26
CA MET A 339 -19.73 -28.32 -19.40
C MET A 339 -20.48 -27.26 -20.20
N LYS A 340 -21.32 -26.48 -19.50
CA LYS A 340 -22.09 -25.42 -20.12
C LYS A 340 -21.83 -24.11 -19.36
N LEU A 341 -22.02 -22.99 -20.05
CA LEU A 341 -21.72 -21.68 -19.52
C LEU A 341 -23.01 -20.93 -19.18
N VAL A 342 -23.07 -20.40 -17.96
CA VAL A 342 -24.20 -19.59 -17.51
C VAL A 342 -23.66 -18.27 -16.98
N VAL A 343 -24.46 -17.22 -17.11
CA VAL A 343 -24.12 -15.89 -16.63
C VAL A 343 -25.13 -15.49 -15.56
N GLN A 344 -24.64 -15.15 -14.37
CA GLN A 344 -25.48 -14.67 -13.28
C GLN A 344 -25.34 -13.15 -13.16
N ALA A 345 -26.46 -12.49 -12.90
CA ALA A 345 -26.48 -11.03 -12.84
C ALA A 345 -27.42 -10.57 -11.73
N GLY A 346 -27.00 -9.55 -10.99
CA GLY A 346 -27.82 -9.01 -9.92
C GLY A 346 -27.40 -7.60 -9.58
N LEU A 347 -28.37 -6.81 -9.10
CA LEU A 347 -28.13 -5.43 -8.72
C LEU A 347 -27.77 -5.35 -7.24
N PHE A 348 -26.87 -4.43 -6.91
CA PHE A 348 -26.36 -4.31 -5.55
C PHE A 348 -26.14 -2.84 -5.20
N HIS A 349 -26.41 -2.51 -3.95
CA HIS A 349 -26.02 -1.23 -3.35
C HIS A 349 -25.17 -1.56 -2.13
N GLY A 350 -23.85 -1.46 -2.28
CA GLY A 350 -22.95 -1.95 -1.26
C GLY A 350 -22.85 -3.46 -1.31
N ASN A 351 -23.42 -4.13 -0.32
CA ASN A 351 -23.49 -5.59 -0.30
C ASN A 351 -24.92 -6.10 -0.29
N GLU A 352 -25.89 -5.22 -0.51
CA GLU A 352 -27.29 -5.57 -0.40
C GLU A 352 -27.90 -5.76 -1.79
N MET A 353 -28.61 -6.86 -1.98
CA MET A 353 -29.31 -7.09 -3.23
C MET A 353 -30.48 -6.12 -3.38
N LEU A 354 -30.72 -5.69 -4.62
CA LEU A 354 -31.82 -4.78 -4.90
C LEU A 354 -32.99 -5.46 -5.61
N CYS A 355 -32.78 -6.66 -6.15
CA CYS A 355 -33.81 -7.45 -6.81
C CYS A 355 -33.31 -8.88 -6.88
N LYS A 356 -34.07 -9.73 -7.56
CA LYS A 356 -33.67 -11.13 -7.68
C LYS A 356 -32.44 -11.26 -8.59
N THR A 357 -31.76 -12.39 -8.46
CA THR A 357 -30.57 -12.69 -9.27
C THR A 357 -31.04 -13.36 -10.56
N VAL A 358 -31.22 -12.56 -11.60
CA VAL A 358 -31.71 -13.07 -12.88
C VAL A 358 -30.57 -13.76 -13.61
N SER A 359 -30.77 -15.03 -13.95
CA SER A 359 -29.76 -15.85 -14.61
C SER A 359 -30.10 -16.03 -16.08
N SER A 360 -29.08 -16.39 -16.85
CA SER A 360 -29.24 -16.67 -18.27
C SER A 360 -29.39 -18.17 -18.48
N SER A 361 -29.48 -18.58 -19.74
CA SER A 361 -29.61 -19.99 -20.08
C SER A 361 -28.25 -20.60 -20.36
N GLU A 362 -28.23 -21.93 -20.47
CA GLU A 362 -27.00 -22.66 -20.71
C GLU A 362 -26.60 -22.61 -22.19
N VAL A 363 -25.32 -22.38 -22.44
CA VAL A 363 -24.74 -22.40 -23.77
C VAL A 363 -23.49 -23.26 -23.72
N SER A 364 -23.24 -24.00 -24.80
CA SER A 364 -22.09 -24.90 -24.86
C SER A 364 -20.79 -24.13 -24.62
N VAL A 365 -19.85 -24.80 -23.96
CA VAL A 365 -18.58 -24.16 -23.62
C VAL A 365 -17.76 -23.94 -24.89
N CYS A 366 -17.33 -22.70 -25.10
CA CYS A 366 -16.43 -22.36 -26.19
C CYS A 366 -15.76 -21.05 -25.85
N SER A 367 -14.82 -20.64 -26.71
CA SER A 367 -14.03 -19.44 -26.42
C SER A 367 -14.88 -18.18 -26.56
N GLU A 368 -15.79 -18.15 -27.54
CA GLU A 368 -16.64 -17.00 -27.81
C GLU A 368 -18.11 -17.41 -27.74
N PRO A 369 -18.63 -17.65 -26.53
CA PRO A 369 -20.04 -18.05 -26.42
C PRO A 369 -20.98 -16.89 -26.66
N VAL A 370 -22.12 -17.20 -27.29
CA VAL A 370 -23.12 -16.21 -27.66
C VAL A 370 -24.43 -16.56 -26.97
N TRP A 371 -25.07 -15.56 -26.36
CA TRP A 371 -26.38 -15.71 -25.75
C TRP A 371 -27.45 -14.91 -26.46
N LYS A 372 -27.21 -13.61 -26.67
CA LYS A 372 -28.16 -12.69 -27.31
C LYS A 372 -29.51 -12.67 -26.59
N GLN A 373 -29.49 -12.87 -25.27
CA GLN A 373 -30.70 -12.85 -24.47
C GLN A 373 -30.82 -11.56 -23.69
N ARG A 374 -32.06 -11.17 -23.40
CA ARG A 374 -32.37 -10.02 -22.57
C ARG A 374 -32.68 -10.50 -21.16
N LEU A 375 -31.98 -9.94 -20.18
CA LEU A 375 -32.24 -10.24 -18.77
C LEU A 375 -32.96 -9.06 -18.15
N GLU A 376 -34.18 -9.32 -17.65
CA GLU A 376 -35.03 -8.31 -17.05
C GLU A 376 -35.02 -8.46 -15.53
N PHE A 377 -34.86 -7.36 -14.82
CA PHE A 377 -34.69 -7.38 -13.37
C PHE A 377 -35.94 -6.86 -12.68
N ASP A 378 -36.13 -7.29 -11.43
CA ASP A 378 -37.31 -6.96 -10.65
C ASP A 378 -37.13 -5.63 -9.92
N ILE A 379 -36.91 -4.58 -10.70
CA ILE A 379 -36.80 -3.23 -10.17
C ILE A 379 -37.00 -2.26 -11.32
N ASN A 380 -37.55 -1.09 -11.01
CA ASN A 380 -37.80 -0.06 -12.01
C ASN A 380 -36.59 0.87 -12.14
N ILE A 381 -36.50 1.51 -13.30
CA ILE A 381 -35.41 2.46 -13.55
C ILE A 381 -35.48 3.61 -12.56
N CYS A 382 -36.69 4.07 -12.24
CA CYS A 382 -36.86 5.17 -11.30
C CYS A 382 -36.53 4.79 -9.86
N ASP A 383 -36.16 3.54 -9.59
CA ASP A 383 -35.80 3.11 -8.25
C ASP A 383 -34.35 2.72 -8.11
N LEU A 384 -33.55 2.88 -9.16
CA LEU A 384 -32.13 2.53 -9.10
C LEU A 384 -31.37 3.60 -8.34
N PRO A 385 -30.66 3.26 -7.27
CA PRO A 385 -29.89 4.27 -6.52
C PRO A 385 -28.79 4.87 -7.38
N ARG A 386 -28.20 5.95 -6.85
CA ARG A 386 -27.08 6.58 -7.53
C ARG A 386 -25.88 5.63 -7.62
N MET A 387 -25.57 4.95 -6.52
CA MET A 387 -24.48 3.99 -6.48
C MET A 387 -24.93 2.58 -6.83
N ALA A 388 -25.96 2.45 -7.68
CA ALA A 388 -26.44 1.14 -8.09
C ALA A 388 -25.34 0.39 -8.83
N ARG A 389 -24.95 -0.76 -8.30
CA ARG A 389 -23.82 -1.53 -8.80
C ARG A 389 -24.32 -2.87 -9.31
N LEU A 390 -24.30 -3.04 -10.62
CA LEU A 390 -24.76 -4.28 -11.24
C LEU A 390 -23.56 -5.19 -11.50
N CYS A 391 -23.73 -6.47 -11.20
CA CYS A 391 -22.62 -7.42 -11.12
C CYS A 391 -22.92 -8.67 -11.94
N PHE A 392 -21.94 -9.10 -12.73
CA PHE A 392 -22.01 -10.37 -13.43
C PHE A 392 -21.06 -11.39 -12.81
N ALA A 393 -21.35 -12.67 -13.08
CA ALA A 393 -20.45 -13.76 -12.74
C ALA A 393 -20.73 -14.89 -13.70
N LEU A 394 -19.76 -15.20 -14.56
CA LEU A 394 -19.86 -16.30 -15.49
C LEU A 394 -19.39 -17.57 -14.80
N TYR A 395 -20.17 -18.65 -14.92
CA TYR A 395 -19.86 -19.91 -14.27
C TYR A 395 -20.10 -21.06 -15.23
N ALA A 396 -19.51 -22.20 -14.90
CA ALA A 396 -19.66 -23.42 -15.68
C ALA A 396 -20.42 -24.45 -14.85
N VAL A 397 -21.51 -24.96 -15.40
CA VAL A 397 -22.38 -25.91 -14.72
C VAL A 397 -22.44 -27.19 -15.53
N ILE A 398 -22.39 -28.33 -14.84
CA ILE A 398 -22.64 -29.61 -15.47
C ILE A 398 -24.11 -29.68 -15.90
N GLU A 399 -24.35 -30.21 -17.09
CA GLU A 399 -25.70 -30.26 -17.62
C GLU A 399 -26.63 -30.99 -16.65
N LYS A 400 -27.89 -30.55 -16.62
CA LYS A 400 -28.84 -31.07 -15.63
C LYS A 400 -28.98 -32.59 -15.74
N ALA A 401 -29.03 -33.11 -16.96
CA ALA A 401 -29.09 -34.54 -17.22
C ALA A 401 -30.26 -35.22 -16.48
N ALA A 414 -20.82 -29.61 -8.21
CA ALA A 414 -19.50 -28.99 -8.25
C ALA A 414 -19.51 -27.76 -9.13
N ASP A 415 -20.33 -26.78 -8.76
CA ASP A 415 -20.45 -25.55 -9.55
C ASP A 415 -19.14 -24.76 -9.49
N CYS A 416 -18.74 -24.23 -10.65
CA CYS A 416 -17.45 -23.56 -10.80
C CYS A 416 -17.62 -22.10 -11.20
N PRO A 417 -17.36 -21.14 -10.31
CA PRO A 417 -17.31 -19.73 -10.73
C PRO A 417 -16.10 -19.49 -11.62
N ILE A 418 -16.36 -19.10 -12.87
CA ILE A 418 -15.26 -18.83 -13.80
C ILE A 418 -14.66 -17.46 -13.54
N ALA A 419 -15.48 -16.42 -13.66
CA ALA A 419 -14.99 -15.05 -13.50
C ALA A 419 -16.17 -14.15 -13.14
N TRP A 420 -15.86 -12.87 -12.89
CA TRP A 420 -16.85 -11.91 -12.42
C TRP A 420 -16.48 -10.52 -12.94
N ALA A 421 -17.48 -9.64 -12.95
CA ALA A 421 -17.26 -8.26 -13.40
C ALA A 421 -18.40 -7.40 -12.87
N ASN A 422 -18.06 -6.23 -12.33
CA ASN A 422 -19.05 -5.29 -11.82
C ASN A 422 -19.03 -4.02 -12.66
N LEU A 423 -20.18 -3.34 -12.68
CA LEU A 423 -20.32 -2.12 -13.47
C LEU A 423 -21.31 -1.20 -12.78
N MET A 424 -20.96 0.08 -12.72
CA MET A 424 -21.87 1.09 -12.20
C MET A 424 -22.93 1.42 -13.23
N LEU A 425 -24.18 1.59 -12.76
CA LEU A 425 -25.27 1.96 -13.66
C LEU A 425 -25.26 3.43 -14.03
N PHE A 426 -24.68 4.28 -13.20
CA PHE A 426 -24.50 5.70 -13.49
C PHE A 426 -23.01 5.99 -13.59
N ASP A 427 -22.63 6.80 -14.57
CA ASP A 427 -21.22 7.13 -14.75
C ASP A 427 -20.80 8.20 -13.75
N TYR A 428 -19.55 8.63 -13.84
CA TYR A 428 -19.03 9.65 -12.94
C TYR A 428 -19.67 11.02 -13.15
N LYS A 429 -20.43 11.20 -14.24
CA LYS A 429 -21.12 12.45 -14.49
C LYS A 429 -22.61 12.35 -14.19
N ASP A 430 -23.02 11.37 -13.38
CA ASP A 430 -24.39 11.17 -12.92
C ASP A 430 -25.33 10.73 -14.03
N GLN A 431 -24.81 10.28 -15.18
CA GLN A 431 -25.65 9.88 -16.30
C GLN A 431 -25.90 8.38 -16.26
N LEU A 432 -27.16 7.99 -16.45
CA LEU A 432 -27.50 6.58 -16.59
C LEU A 432 -26.85 6.04 -17.87
N LYS A 433 -25.98 5.04 -17.71
CA LYS A 433 -25.24 4.52 -18.84
C LYS A 433 -26.16 3.82 -19.83
N THR A 434 -26.04 4.17 -21.10
CA THR A 434 -26.74 3.50 -22.18
C THR A 434 -25.75 3.17 -23.29
N GLY A 435 -26.01 2.06 -23.97
CA GLY A 435 -25.23 1.65 -25.12
C GLY A 435 -24.44 0.38 -24.86
N GLU A 436 -23.51 0.13 -25.76
CA GLU A 436 -22.69 -1.08 -25.70
C GLU A 436 -21.60 -0.93 -24.65
N ARG A 437 -21.45 -1.94 -23.81
CA ARG A 437 -20.41 -1.98 -22.79
C ARG A 437 -19.65 -3.29 -22.90
N CYS A 438 -18.33 -3.23 -22.81
CA CYS A 438 -17.46 -4.39 -22.83
C CYS A 438 -16.73 -4.46 -21.51
N LEU A 439 -17.08 -5.45 -20.68
CA LEU A 439 -16.56 -5.57 -19.32
C LEU A 439 -15.52 -6.70 -19.29
N TYR A 440 -14.24 -6.33 -19.18
CA TYR A 440 -13.18 -7.32 -19.05
C TYR A 440 -13.17 -7.84 -17.62
N MET A 441 -13.29 -9.16 -17.46
CA MET A 441 -13.51 -9.72 -16.14
C MET A 441 -12.21 -9.99 -15.41
N TRP A 442 -12.34 -10.33 -14.14
CA TRP A 442 -11.36 -10.80 -13.18
C TRP A 442 -11.62 -12.27 -12.87
N PRO A 443 -10.58 -13.10 -12.74
CA PRO A 443 -10.79 -14.51 -12.43
C PRO A 443 -11.36 -14.70 -11.03
N SER A 444 -12.32 -15.60 -10.93
CA SER A 444 -12.93 -15.91 -9.64
C SER A 444 -11.98 -16.77 -8.82
N VAL A 445 -11.75 -16.37 -7.58
CA VAL A 445 -10.93 -17.13 -6.64
C VAL A 445 -11.85 -17.81 -5.64
N PRO A 446 -11.72 -19.11 -5.40
CA PRO A 446 -12.60 -19.78 -4.44
C PRO A 446 -12.39 -19.24 -3.03
N ASP A 447 -13.48 -19.13 -2.28
CA ASP A 447 -13.47 -18.58 -0.94
C ASP A 447 -14.31 -19.47 -0.03
N GLU A 448 -14.67 -18.96 1.14
CA GLU A 448 -15.52 -19.69 2.07
C GLU A 448 -17.00 -19.49 1.78
N LYS A 449 -17.39 -18.29 1.34
CA LYS A 449 -18.79 -17.99 1.00
C LYS A 449 -18.87 -17.97 -0.53
N GLY A 450 -19.20 -19.12 -1.10
CA GLY A 450 -19.20 -19.28 -2.54
C GLY A 450 -20.31 -18.54 -3.27
N GLU A 451 -20.69 -17.37 -2.78
CA GLU A 451 -21.65 -16.53 -3.49
C GLU A 451 -21.11 -16.21 -4.88
N LEU A 452 -21.78 -16.71 -5.92
CA LEU A 452 -21.28 -16.54 -7.29
C LEU A 452 -21.03 -15.08 -7.61
N LEU A 453 -22.01 -14.23 -7.32
CA LEU A 453 -21.86 -12.81 -7.52
C LEU A 453 -20.90 -12.24 -6.48
N ASN A 454 -19.91 -11.47 -6.93
CA ASN A 454 -18.94 -10.85 -6.04
C ASN A 454 -19.15 -9.33 -6.04
N PRO A 455 -20.10 -8.82 -5.26
CA PRO A 455 -20.43 -7.40 -5.34
C PRO A 455 -19.40 -6.49 -4.69
N THR A 456 -18.52 -7.01 -3.85
CA THR A 456 -17.50 -6.18 -3.21
C THR A 456 -16.29 -5.93 -4.10
N GLY A 457 -16.28 -6.45 -5.32
CA GLY A 457 -15.16 -6.23 -6.21
C GLY A 457 -15.15 -4.84 -6.80
N THR A 458 -13.99 -4.46 -7.33
CA THR A 458 -13.84 -3.15 -7.93
C THR A 458 -14.62 -3.05 -9.23
N VAL A 459 -15.14 -1.84 -9.50
CA VAL A 459 -15.81 -1.59 -10.77
C VAL A 459 -14.84 -1.30 -11.90
N ARG A 460 -13.55 -1.25 -11.62
CA ARG A 460 -12.56 -1.02 -12.66
C ARG A 460 -12.43 -2.25 -13.55
N SER A 461 -12.03 -2.03 -14.80
CA SER A 461 -11.88 -3.10 -15.76
C SER A 461 -10.50 -3.73 -15.66
N ASN A 462 -10.42 -4.98 -16.07
CA ASN A 462 -9.14 -5.70 -16.11
C ASN A 462 -8.23 -5.08 -17.16
N PRO A 463 -7.04 -4.60 -16.80
CA PRO A 463 -6.17 -3.96 -17.81
C PRO A 463 -5.61 -4.93 -18.84
N ASN A 464 -5.45 -6.21 -18.50
CA ASN A 464 -4.99 -7.22 -19.45
C ASN A 464 -6.07 -7.42 -20.50
N THR A 465 -6.07 -6.55 -21.51
CA THR A 465 -7.15 -6.50 -22.46
C THR A 465 -6.98 -7.45 -23.64
N ASP A 466 -5.76 -7.94 -23.89
CA ASP A 466 -5.53 -8.77 -25.07
C ASP A 466 -5.79 -10.25 -24.83
N SER A 467 -5.86 -10.70 -23.57
CA SER A 467 -5.97 -12.12 -23.30
C SER A 467 -6.99 -12.48 -22.23
N ALA A 468 -7.67 -11.52 -21.61
CA ALA A 468 -8.64 -11.83 -20.58
C ALA A 468 -10.04 -11.92 -21.16
N ALA A 469 -10.92 -12.60 -20.43
CA ALA A 469 -12.30 -12.80 -20.84
C ALA A 469 -13.11 -11.53 -20.64
N ALA A 470 -14.24 -11.45 -21.35
CA ALA A 470 -15.07 -10.25 -21.29
C ALA A 470 -16.50 -10.61 -21.68
N LEU A 471 -17.42 -9.73 -21.29
CA LEU A 471 -18.82 -9.79 -21.70
C LEU A 471 -19.17 -8.58 -22.55
N LEU A 472 -19.86 -8.83 -23.65
CA LEU A 472 -20.49 -7.78 -24.45
C LEU A 472 -21.93 -7.65 -23.99
N ILE A 473 -22.25 -6.54 -23.33
CA ILE A 473 -23.59 -6.26 -22.86
C ILE A 473 -24.02 -4.91 -23.40
N CYS A 474 -25.33 -4.66 -23.37
CA CYS A 474 -25.89 -3.44 -23.93
C CYS A 474 -26.97 -2.91 -23.00
N LEU A 475 -26.79 -1.67 -22.55
CA LEU A 475 -27.87 -0.96 -21.86
C LEU A 475 -28.80 -0.33 -22.88
N PRO A 476 -30.12 -0.50 -22.74
CA PRO A 476 -31.03 0.02 -23.75
C PRO A 476 -31.35 1.49 -23.53
N GLU A 477 -31.63 2.18 -24.64
CA GLU A 477 -32.06 3.57 -24.56
C GLU A 477 -33.44 3.64 -23.92
N VAL A 478 -33.64 4.64 -23.07
CA VAL A 478 -34.85 4.74 -22.26
C VAL A 478 -35.56 6.06 -22.49
N ALA A 479 -34.90 7.00 -23.16
CA ALA A 479 -35.43 8.35 -23.32
C ALA A 479 -34.78 8.99 -24.53
N PRO A 480 -35.44 9.97 -25.16
CA PRO A 480 -34.78 10.68 -26.27
C PRO A 480 -33.58 11.49 -25.81
N HIS A 481 -33.77 12.29 -24.76
CA HIS A 481 -32.64 12.96 -24.14
C HIS A 481 -32.07 12.07 -23.03
N PRO A 482 -30.77 12.12 -22.79
CA PRO A 482 -30.18 11.25 -21.77
C PRO A 482 -30.69 11.61 -20.38
N VAL A 483 -30.59 10.65 -19.47
CA VAL A 483 -31.16 10.75 -18.13
C VAL A 483 -30.03 10.86 -17.11
N TYR A 484 -30.26 11.66 -16.07
CA TYR A 484 -29.31 11.84 -14.97
C TYR A 484 -29.98 11.47 -13.66
N TYR A 485 -29.16 11.24 -12.64
CA TYR A 485 -29.70 11.14 -11.28
C TYR A 485 -30.05 12.54 -10.79
N PRO A 486 -31.20 12.70 -10.12
CA PRO A 486 -31.65 14.05 -9.75
C PRO A 486 -30.64 14.78 -8.86
N ALA A 487 -30.60 16.10 -9.02
CA ALA A 487 -29.73 16.92 -8.21
C ALA A 487 -30.24 16.99 -6.77
N LEU A 488 -29.40 17.54 -5.89
CA LEU A 488 -29.70 17.53 -4.46
C LEU A 488 -31.00 18.26 -4.16
N GLU A 489 -31.24 19.38 -4.84
CA GLU A 489 -32.47 20.13 -4.60
C GLU A 489 -33.70 19.30 -4.95
N LYS A 490 -33.65 18.57 -6.07
CA LYS A 490 -34.76 17.70 -6.42
C LYS A 490 -34.87 16.49 -5.50
N ILE A 491 -33.82 16.18 -4.74
CA ILE A 491 -33.89 15.10 -3.77
C ILE A 491 -34.53 15.58 -2.46
N LEU A 492 -34.14 16.77 -2.00
CA LEU A 492 -34.67 17.29 -0.75
C LEU A 492 -36.14 17.68 -0.87
N GLU A 493 -36.61 18.00 -2.09
CA GLU A 493 -38.03 18.28 -2.27
C GLU A 493 -38.86 17.04 -2.00
N LEU A 494 -38.36 15.87 -2.41
CA LEU A 494 -39.06 14.63 -2.12
C LEU A 494 -38.87 14.24 -0.66
N GLY A 495 -37.64 14.30 -0.16
CA GLY A 495 -37.34 13.86 1.20
C GLY A 495 -37.94 14.73 2.29
N ARG A 496 -38.47 15.91 1.95
CA ARG A 496 -39.03 16.79 2.98
C ARG A 496 -40.26 16.16 3.63
N HIS A 497 -41.15 15.60 2.82
CA HIS A 497 -42.37 14.98 3.34
C HIS A 497 -42.06 13.77 4.21
N THR A 504 -43.88 8.82 19.60
CA THR A 504 -44.73 8.40 20.71
C THR A 504 -43.92 8.06 21.95
N GLU A 505 -44.54 7.38 22.90
CA GLU A 505 -43.90 6.99 24.16
C GLU A 505 -43.42 5.54 24.11
N GLU A 506 -44.35 4.61 23.86
CA GLU A 506 -44.00 3.19 23.83
C GLU A 506 -42.88 2.90 22.84
N GLU A 507 -42.86 3.64 21.72
CA GLU A 507 -41.88 3.35 20.66
C GLU A 507 -40.47 3.76 21.05
N GLN A 508 -40.33 4.74 21.95
CA GLN A 508 -38.99 5.15 22.37
C GLN A 508 -38.31 4.05 23.19
N LEU A 509 -39.09 3.20 23.86
CA LEU A 509 -38.49 2.11 24.63
C LEU A 509 -37.80 1.11 23.71
N GLN A 510 -38.49 0.67 22.65
CA GLN A 510 -37.89 -0.30 21.74
C GLN A 510 -36.77 0.32 20.90
N LEU A 511 -36.81 1.64 20.68
CA LEU A 511 -35.70 2.30 20.00
C LEU A 511 -34.43 2.22 20.83
N ARG A 512 -34.53 2.55 22.11
CA ARG A 512 -33.38 2.39 23.00
C ARG A 512 -32.99 0.93 23.14
N GLU A 513 -33.96 0.02 23.08
CA GLU A 513 -33.65 -1.40 23.20
C GLU A 513 -32.90 -1.92 21.98
N ILE A 514 -33.21 -1.38 20.80
CA ILE A 514 -32.66 -1.91 19.57
C ILE A 514 -31.26 -1.34 19.31
N LEU A 515 -31.11 -0.03 19.45
CA LEU A 515 -29.81 0.60 19.22
C LEU A 515 -28.79 0.31 20.32
N GLU A 516 -29.18 -0.39 21.38
CA GLU A 516 -28.26 -0.74 22.45
C GLU A 516 -28.02 -2.25 22.51
N GLU A 522 -26.36 -7.56 12.45
CA GLU A 522 -27.60 -7.52 11.68
C GLU A 522 -28.79 -7.18 12.55
N LEU A 523 -29.80 -6.53 11.97
CA LEU A 523 -31.04 -6.25 12.66
C LEU A 523 -32.07 -7.32 12.30
N TYR A 524 -33.31 -7.12 12.73
CA TYR A 524 -34.38 -8.05 12.46
C TYR A 524 -35.56 -7.29 11.87
N GLU A 525 -36.38 -8.02 11.10
CA GLU A 525 -37.36 -7.40 10.22
C GLU A 525 -38.25 -6.41 10.95
N HIS A 526 -38.88 -6.85 12.05
CA HIS A 526 -39.73 -5.96 12.83
C HIS A 526 -38.93 -4.80 13.42
N GLU A 527 -37.64 -5.02 13.70
CA GLU A 527 -36.80 -3.95 14.23
C GLU A 527 -36.36 -3.00 13.13
N LYS A 528 -36.15 -3.50 11.91
CA LYS A 528 -35.75 -2.64 10.80
C LYS A 528 -36.83 -1.61 10.51
N ASP A 529 -38.09 -2.05 10.43
CA ASP A 529 -39.18 -1.14 10.05
C ASP A 529 -39.46 -0.13 11.15
N LEU A 530 -39.16 -0.45 12.41
CA LEU A 530 -39.38 0.52 13.47
C LEU A 530 -38.32 1.61 13.44
N VAL A 531 -37.06 1.24 13.23
CA VAL A 531 -36.00 2.23 13.16
C VAL A 531 -36.23 3.19 11.99
N TRP A 532 -36.70 2.65 10.86
CA TRP A 532 -37.05 3.51 9.74
C TRP A 532 -38.29 4.33 10.03
N LYS A 533 -39.19 3.82 10.88
CA LYS A 533 -40.39 4.58 11.23
C LYS A 533 -40.04 5.84 12.01
N LEU A 534 -39.22 5.71 13.04
CA LEU A 534 -38.79 6.84 13.85
C LEU A 534 -37.38 7.30 13.47
N ARG A 535 -37.16 7.48 12.16
CA ARG A 535 -35.86 7.94 11.69
C ARG A 535 -35.56 9.34 12.21
N HIS A 536 -36.59 10.19 12.33
CA HIS A 536 -36.39 11.50 12.91
C HIS A 536 -36.01 11.41 14.38
N GLU A 537 -36.56 10.43 15.10
CA GLU A 537 -36.15 10.21 16.48
C GLU A 537 -34.70 9.76 16.57
N VAL A 538 -34.24 8.97 15.58
CA VAL A 538 -32.84 8.57 15.55
C VAL A 538 -31.95 9.79 15.34
N GLN A 539 -32.34 10.69 14.44
CA GLN A 539 -31.52 11.87 14.17
C GLN A 539 -31.55 12.84 15.35
N GLU A 540 -32.70 12.94 16.02
CA GLU A 540 -32.87 13.92 17.08
C GLU A 540 -32.50 13.38 18.46
N HIS A 541 -32.17 12.10 18.59
CA HIS A 541 -31.83 11.56 19.90
C HIS A 541 -30.74 10.51 19.89
N PHE A 542 -30.39 9.93 18.74
CA PHE A 542 -29.32 8.94 18.65
C PHE A 542 -28.47 9.22 17.41
N PRO A 543 -27.78 10.37 17.39
CA PRO A 543 -27.03 10.73 16.17
C PRO A 543 -25.92 9.75 15.84
N GLU A 544 -25.26 9.18 16.85
CA GLU A 544 -24.18 8.22 16.60
C GLU A 544 -24.71 6.89 16.06
N ALA A 545 -26.02 6.69 16.04
CA ALA A 545 -26.63 5.52 15.43
C ALA A 545 -26.96 5.72 13.96
N LEU A 546 -26.33 6.72 13.31
CA LEU A 546 -26.63 7.00 11.91
C LEU A 546 -26.34 5.80 11.02
N ALA A 547 -25.28 5.06 11.32
CA ALA A 547 -24.92 3.90 10.49
C ALA A 547 -26.03 2.85 10.50
N ARG A 548 -26.68 2.66 11.65
CA ARG A 548 -27.79 1.71 11.72
C ARG A 548 -28.95 2.17 10.85
N LEU A 549 -29.31 3.46 10.94
CA LEU A 549 -30.37 3.98 10.10
C LEU A 549 -30.02 3.91 8.63
N LEU A 550 -28.73 3.99 8.30
CA LEU A 550 -28.32 3.88 6.90
C LEU A 550 -28.54 2.48 6.36
N LEU A 551 -28.43 1.46 7.22
CA LEU A 551 -28.58 0.08 6.76
C LEU A 551 -30.04 -0.33 6.65
N VAL A 552 -30.92 0.23 7.49
CA VAL A 552 -32.33 -0.12 7.41
C VAL A 552 -33.04 0.60 6.27
N THR A 553 -32.45 1.66 5.74
CA THR A 553 -33.03 2.38 4.62
C THR A 553 -33.16 1.45 3.42
N LYS A 554 -34.30 1.49 2.74
CA LYS A 554 -34.52 0.64 1.57
C LYS A 554 -34.11 1.43 0.34
N TRP A 555 -32.94 1.09 -0.20
CA TRP A 555 -32.37 1.83 -1.31
C TRP A 555 -33.01 1.48 -2.64
N ASN A 556 -33.72 0.35 -2.74
CA ASN A 556 -34.43 -0.03 -3.95
C ASN A 556 -35.72 0.74 -4.13
N LYS A 557 -35.99 1.76 -3.31
CA LYS A 557 -37.16 2.61 -3.45
C LYS A 557 -36.69 4.05 -3.37
N HIS A 558 -36.78 4.79 -4.48
CA HIS A 558 -36.22 6.12 -4.53
C HIS A 558 -36.91 7.09 -3.58
N GLU A 559 -38.13 6.77 -3.13
CA GLU A 559 -38.79 7.60 -2.13
C GLU A 559 -38.12 7.44 -0.77
N ASP A 560 -37.82 6.20 -0.38
CA ASP A 560 -37.07 5.96 0.85
C ASP A 560 -35.69 6.60 0.79
N VAL A 561 -35.02 6.50 -0.36
CA VAL A 561 -33.70 7.11 -0.52
C VAL A 561 -33.79 8.61 -0.34
N ALA A 562 -34.77 9.25 -0.98
CA ALA A 562 -34.89 10.70 -0.90
C ALA A 562 -35.07 11.17 0.54
N GLN A 563 -35.86 10.46 1.33
CA GLN A 563 -36.07 10.86 2.71
C GLN A 563 -34.82 10.63 3.55
N MET A 564 -34.07 9.57 3.27
CA MET A 564 -32.86 9.29 4.03
C MET A 564 -31.79 10.34 3.76
N LEU A 565 -31.52 10.65 2.49
CA LEU A 565 -30.56 11.69 2.18
C LEU A 565 -31.01 13.05 2.70
N TYR A 566 -32.32 13.25 2.84
CA TYR A 566 -32.82 14.48 3.46
C TYR A 566 -32.35 14.57 4.91
N LEU A 567 -32.51 13.48 5.66
CA LEU A 567 -32.02 13.47 7.04
C LEU A 567 -30.50 13.57 7.09
N LEU A 568 -29.82 12.94 6.12
CA LEU A 568 -28.36 12.92 6.13
C LEU A 568 -27.79 14.32 5.90
N CYS A 569 -28.44 15.12 5.05
CA CYS A 569 -27.96 16.47 4.80
C CYS A 569 -28.19 17.41 5.98
N SER A 570 -28.79 16.92 7.07
CA SER A 570 -28.97 17.72 8.28
C SER A 570 -28.47 16.99 9.52
N TRP A 571 -27.70 15.90 9.35
CA TRP A 571 -27.22 15.15 10.50
C TRP A 571 -26.13 15.94 11.21
N PRO A 572 -26.12 15.94 12.55
CA PRO A 572 -25.05 16.63 13.28
C PRO A 572 -23.71 15.95 13.03
N GLU A 573 -22.65 16.70 13.32
CA GLU A 573 -21.29 16.20 13.12
C GLU A 573 -20.97 15.12 14.16
N LEU A 574 -20.61 13.91 13.67
CA LEU A 574 -20.25 12.78 14.52
C LEU A 574 -18.75 12.78 14.79
N PRO A 575 -18.34 12.21 15.92
CA PRO A 575 -16.90 12.09 16.21
C PRO A 575 -16.19 11.26 15.15
N VAL A 576 -14.86 11.39 15.14
CA VAL A 576 -14.03 10.67 14.17
C VAL A 576 -14.28 9.17 14.23
N LEU A 577 -14.57 8.64 15.42
CA LEU A 577 -14.78 7.21 15.57
C LEU A 577 -15.95 6.73 14.71
N SER A 578 -17.09 7.41 14.79
CA SER A 578 -18.25 7.04 13.98
C SER A 578 -17.97 7.21 12.50
N ALA A 579 -17.27 8.28 12.12
CA ALA A 579 -16.95 8.51 10.72
C ALA A 579 -16.07 7.40 10.17
N LEU A 580 -15.22 6.81 11.01
CA LEU A 580 -14.35 5.73 10.55
C LEU A 580 -15.18 4.52 10.12
N GLU A 581 -16.28 4.24 10.82
CA GLU A 581 -17.16 3.14 10.41
C GLU A 581 -17.87 3.47 9.10
N LEU A 582 -18.28 4.73 8.94
CA LEU A 582 -19.05 5.11 7.75
C LEU A 582 -18.25 4.98 6.47
N LEU A 583 -16.92 4.90 6.57
CA LEU A 583 -16.06 4.77 5.40
C LEU A 583 -16.02 3.34 4.86
N ASP A 584 -16.77 2.42 5.45
CA ASP A 584 -16.76 1.03 5.01
C ASP A 584 -17.55 0.88 3.71
N PHE A 585 -17.36 -0.28 3.06
CA PHE A 585 -18.04 -0.55 1.80
C PHE A 585 -19.53 -0.75 1.96
N SER A 586 -20.01 -0.99 3.19
CA SER A 586 -21.44 -1.16 3.43
C SER A 586 -22.21 0.13 3.19
N PHE A 587 -21.53 1.28 3.18
CA PHE A 587 -22.15 2.59 3.00
C PHE A 587 -21.55 3.22 1.75
N PRO A 588 -22.05 2.87 0.56
CA PRO A 588 -21.43 3.32 -0.68
C PRO A 588 -21.94 4.63 -1.24
N ASP A 589 -23.00 5.20 -0.66
CA ASP A 589 -23.56 6.43 -1.20
C ASP A 589 -22.54 7.57 -1.12
N CYS A 590 -22.44 8.34 -2.20
CA CYS A 590 -21.50 9.45 -2.25
C CYS A 590 -21.80 10.47 -1.15
N HIS A 591 -23.08 10.67 -0.84
CA HIS A 591 -23.44 11.60 0.23
C HIS A 591 -22.95 11.10 1.58
N VAL A 592 -22.96 9.78 1.79
CA VAL A 592 -22.48 9.23 3.05
C VAL A 592 -20.99 9.45 3.19
N GLY A 593 -20.22 9.13 2.16
CA GLY A 593 -18.78 9.32 2.22
C GLY A 593 -18.40 10.77 2.43
N SER A 594 -19.17 11.69 1.85
CA SER A 594 -18.88 13.11 2.04
C SER A 594 -19.15 13.53 3.48
N PHE A 595 -20.21 12.99 4.09
CA PHE A 595 -20.48 13.27 5.49
C PHE A 595 -19.35 12.74 6.38
N ALA A 596 -18.90 11.51 6.13
CA ALA A 596 -17.81 10.94 6.89
C ALA A 596 -16.56 11.82 6.79
N ILE A 597 -16.08 12.05 5.56
CA ILE A 597 -14.90 12.89 5.33
C ILE A 597 -15.05 14.23 6.04
N LYS A 598 -16.27 14.80 5.99
CA LYS A 598 -16.50 16.07 6.68
C LYS A 598 -16.21 15.95 8.18
N SER A 599 -16.40 14.77 8.76
CA SER A 599 -16.07 14.56 10.16
C SER A 599 -14.60 14.22 10.36
N LEU A 600 -13.95 13.59 9.38
CA LEU A 600 -12.51 13.34 9.49
C LEU A 600 -11.67 14.59 9.34
N ARG A 601 -12.25 15.73 8.96
CA ARG A 601 -11.43 16.94 8.82
C ARG A 601 -10.97 17.49 10.15
N LYS A 602 -11.59 17.07 11.26
CA LYS A 602 -11.09 17.45 12.58
C LYS A 602 -9.74 16.83 12.89
N LEU A 603 -9.33 15.81 12.15
CA LEU A 603 -8.15 15.05 12.51
C LEU A 603 -6.90 15.92 12.49
N THR A 604 -6.09 15.80 13.52
CA THR A 604 -4.73 16.34 13.50
C THR A 604 -3.87 15.50 12.56
N ASP A 605 -2.75 16.08 12.13
CA ASP A 605 -1.83 15.34 11.28
C ASP A 605 -1.29 14.12 12.02
N ASP A 606 -1.06 14.24 13.33
CA ASP A 606 -0.58 13.10 14.12
C ASP A 606 -1.60 11.98 14.12
N GLU A 607 -2.87 12.31 14.40
CA GLU A 607 -3.91 11.29 14.43
C GLU A 607 -4.21 10.77 13.03
N LEU A 608 -4.21 11.64 12.02
CA LEU A 608 -4.51 11.18 10.67
C LEU A 608 -3.45 10.18 10.18
N PHE A 609 -2.19 10.39 10.56
CA PHE A 609 -1.15 9.44 10.22
C PHE A 609 -1.41 8.06 10.81
N GLN A 610 -2.12 7.99 11.94
CA GLN A 610 -2.41 6.71 12.57
C GLN A 610 -3.34 5.86 11.72
N TYR A 611 -4.25 6.48 10.97
CA TYR A 611 -5.22 5.77 10.16
C TYR A 611 -4.91 5.87 8.67
N LEU A 612 -3.77 6.46 8.31
CA LEU A 612 -3.41 6.65 6.90
C LEU A 612 -3.47 5.33 6.14
N LEU A 613 -3.00 4.25 6.75
CA LEU A 613 -2.96 2.97 6.05
C LEU A 613 -4.36 2.46 5.74
N GLN A 614 -5.28 2.57 6.70
CA GLN A 614 -6.64 2.13 6.45
C GLN A 614 -7.33 3.04 5.44
N LEU A 615 -7.05 4.34 5.50
CA LEU A 615 -7.66 5.29 4.56
C LEU A 615 -7.27 4.98 3.13
N VAL A 616 -6.00 4.58 2.91
CA VAL A 616 -5.56 4.20 1.57
C VAL A 616 -6.27 2.93 1.12
N GLN A 617 -6.46 1.98 2.02
CA GLN A 617 -7.02 0.70 1.64
C GLN A 617 -8.46 0.84 1.18
N VAL A 618 -9.25 1.71 1.82
CA VAL A 618 -10.65 1.89 1.45
C VAL A 618 -10.81 2.67 0.15
N LEU A 619 -9.70 3.10 -0.47
CA LEU A 619 -9.79 3.67 -1.80
C LEU A 619 -10.21 2.63 -2.83
N LYS A 620 -9.87 1.37 -2.58
CA LYS A 620 -10.33 0.29 -3.44
C LYS A 620 -11.84 0.12 -3.39
N TYR A 621 -12.48 0.64 -2.34
CA TYR A 621 -13.94 0.58 -2.24
C TYR A 621 -14.62 1.63 -3.11
N GLU A 622 -13.89 2.65 -3.54
CA GLU A 622 -14.49 3.74 -4.29
C GLU A 622 -14.97 3.28 -5.65
N SER A 623 -15.99 3.94 -6.16
CA SER A 623 -16.55 3.61 -7.46
C SER A 623 -16.03 4.50 -8.58
N TYR A 624 -15.70 5.76 -8.27
CA TYR A 624 -15.24 6.71 -9.26
C TYR A 624 -13.83 7.18 -8.91
N LEU A 625 -13.17 7.75 -9.92
CA LEU A 625 -11.81 8.24 -9.72
C LEU A 625 -11.81 9.50 -8.87
N ASP A 626 -12.52 10.54 -9.32
CA ASP A 626 -12.69 11.76 -8.54
C ASP A 626 -13.68 11.49 -7.43
N CYS A 627 -13.19 11.40 -6.20
CA CYS A 627 -14.02 11.12 -5.04
C CYS A 627 -13.60 12.03 -3.89
N GLU A 628 -14.43 12.06 -2.84
CA GLU A 628 -14.15 12.93 -1.70
C GLU A 628 -12.92 12.48 -0.93
N LEU A 629 -12.69 11.17 -0.83
CA LEU A 629 -11.58 10.67 -0.02
C LEU A 629 -10.24 10.94 -0.71
N THR A 630 -10.16 10.73 -2.02
CA THR A 630 -8.95 11.12 -2.74
C THR A 630 -8.70 12.61 -2.60
N LYS A 631 -9.76 13.41 -2.64
CA LYS A 631 -9.64 14.85 -2.43
C LYS A 631 -9.02 15.14 -1.07
N PHE A 632 -9.53 14.48 -0.03
CA PHE A 632 -9.07 14.74 1.33
C PHE A 632 -7.63 14.27 1.54
N LEU A 633 -7.29 13.08 1.04
CA LEU A 633 -5.94 12.57 1.21
C LEU A 633 -4.91 13.44 0.50
N LEU A 634 -5.24 13.93 -0.70
CA LEU A 634 -4.34 14.82 -1.41
C LEU A 634 -4.22 16.16 -0.69
N ASP A 635 -5.33 16.66 -0.16
CA ASP A 635 -5.30 17.88 0.64
C ASP A 635 -4.28 17.79 1.77
N ARG A 636 -4.36 16.72 2.57
CA ARG A 636 -3.46 16.60 3.70
C ARG A 636 -2.03 16.30 3.26
N ALA A 637 -1.86 15.52 2.18
CA ALA A 637 -0.51 15.24 1.69
C ALA A 637 0.18 16.51 1.21
N LEU A 638 -0.56 17.43 0.58
CA LEU A 638 0.05 18.68 0.13
C LEU A 638 0.32 19.63 1.28
N ALA A 639 -0.34 19.45 2.43
CA ALA A 639 -0.10 20.33 3.57
C ALA A 639 0.95 19.80 4.52
N ASN A 640 1.26 18.50 4.48
CA ASN A 640 2.23 17.89 5.37
C ASN A 640 3.14 16.98 4.56
N ARG A 641 4.43 17.31 4.51
CA ARG A 641 5.37 16.56 3.68
CA ARG A 641 5.37 16.57 3.68
C ARG A 641 5.52 15.13 4.18
N LYS A 642 5.52 14.93 5.51
CA LYS A 642 5.66 13.57 6.03
C LYS A 642 4.44 12.72 5.67
N ILE A 643 3.24 13.29 5.77
CA ILE A 643 2.03 12.59 5.36
C ILE A 643 2.07 12.28 3.86
N GLY A 644 2.51 13.25 3.06
CA GLY A 644 2.66 13.00 1.64
C GLY A 644 3.68 11.92 1.34
N HIS A 645 4.76 11.87 2.12
CA HIS A 645 5.79 10.86 1.93
C HIS A 645 5.22 9.46 2.08
N PHE A 646 4.46 9.23 3.16
CA PHE A 646 3.94 7.89 3.40
C PHE A 646 2.72 7.59 2.53
N LEU A 647 1.94 8.61 2.15
CA LEU A 647 0.91 8.38 1.15
C LEU A 647 1.52 7.91 -0.17
N PHE A 648 2.62 8.53 -0.59
CA PHE A 648 3.30 8.10 -1.80
C PHE A 648 3.65 6.62 -1.75
N TRP A 649 4.33 6.19 -0.66
CA TRP A 649 4.81 4.82 -0.59
C TRP A 649 3.69 3.82 -0.39
N HIS A 650 2.62 4.22 0.29
CA HIS A 650 1.46 3.32 0.41
C HIS A 650 0.85 3.04 -0.96
N LEU A 651 0.85 4.04 -1.84
CA LEU A 651 0.32 3.85 -3.19
C LEU A 651 1.34 3.20 -4.11
N ARG A 652 2.60 3.62 -4.02
CA ARG A 652 3.62 3.09 -4.92
C ARG A 652 3.84 1.60 -4.71
N SER A 653 3.80 1.14 -3.46
CA SER A 653 4.01 -0.27 -3.15
C SER A 653 2.90 -1.17 -3.68
N GLU A 654 1.83 -0.62 -4.24
CA GLU A 654 0.75 -1.42 -4.79
C GLU A 654 0.55 -1.18 -6.30
N MET A 655 1.51 -0.56 -6.97
CA MET A 655 1.34 -0.28 -8.39
C MET A 655 1.42 -1.53 -9.26
N HIS A 656 1.97 -2.62 -8.74
CA HIS A 656 1.98 -3.90 -9.44
C HIS A 656 0.64 -4.64 -9.33
N VAL A 657 -0.33 -4.10 -8.60
CA VAL A 657 -1.64 -4.71 -8.45
C VAL A 657 -2.55 -4.14 -9.54
N PRO A 658 -2.95 -4.93 -10.54
CA PRO A 658 -3.73 -4.37 -11.65
C PRO A 658 -5.07 -3.81 -11.23
N SER A 659 -5.60 -4.18 -10.06
CA SER A 659 -6.89 -3.68 -9.64
C SER A 659 -6.85 -2.19 -9.28
N VAL A 660 -5.71 -1.73 -8.76
CA VAL A 660 -5.59 -0.37 -8.27
C VAL A 660 -4.50 0.43 -8.98
N ALA A 661 -3.82 -0.17 -9.95
CA ALA A 661 -2.71 0.51 -10.62
C ALA A 661 -3.18 1.80 -11.28
N LEU A 662 -4.35 1.79 -11.92
CA LEU A 662 -4.85 2.99 -12.58
C LEU A 662 -5.19 4.07 -11.55
N ARG A 663 -6.00 3.72 -10.55
CA ARG A 663 -6.42 4.71 -9.56
C ARG A 663 -5.23 5.26 -8.79
N PHE A 664 -4.36 4.38 -8.31
CA PHE A 664 -3.21 4.82 -7.53
C PHE A 664 -2.26 5.66 -8.39
N GLY A 665 -2.00 5.21 -9.62
CA GLY A 665 -1.10 5.96 -10.48
C GLY A 665 -1.56 7.39 -10.72
N LEU A 666 -2.87 7.58 -10.90
CA LEU A 666 -3.40 8.92 -11.07
C LEU A 666 -3.20 9.76 -9.81
N ILE A 667 -3.52 9.20 -8.65
CA ILE A 667 -3.28 9.92 -7.39
C ILE A 667 -1.80 10.24 -7.23
N LEU A 668 -0.94 9.29 -7.59
CA LEU A 668 0.50 9.50 -7.44
C LEU A 668 0.98 10.62 -8.37
N GLU A 669 0.50 10.66 -9.61
CA GLU A 669 0.87 11.73 -10.52
C GLU A 669 0.42 13.08 -10.00
N ALA A 670 -0.84 13.16 -9.55
CA ALA A 670 -1.35 14.41 -9.00
C ALA A 670 -0.52 14.86 -7.80
N TYR A 671 -0.12 13.92 -6.94
CA TYR A 671 0.67 14.29 -5.77
C TYR A 671 2.04 14.80 -6.17
N CYS A 672 2.67 14.18 -7.17
CA CYS A 672 4.01 14.59 -7.58
C CYS A 672 4.01 16.01 -8.14
N ARG A 673 2.94 16.39 -8.85
CA ARG A 673 2.89 17.72 -9.45
C ARG A 673 2.82 18.81 -8.39
N GLY A 674 2.28 18.50 -7.21
CA GLY A 674 2.22 19.43 -6.10
C GLY A 674 3.39 19.34 -5.15
N SER A 675 4.32 18.42 -5.39
CA SER A 675 5.45 18.20 -4.50
C SER A 675 6.71 17.97 -5.34
N THR A 676 7.07 18.99 -6.13
CA THR A 676 8.28 18.89 -6.95
C THR A 676 9.52 18.75 -6.09
N HIS A 677 9.52 19.34 -4.89
CA HIS A 677 10.66 19.21 -3.99
C HIS A 677 10.82 17.77 -3.54
N HIS A 678 9.79 17.20 -2.90
CA HIS A 678 9.88 15.83 -2.40
C HIS A 678 10.03 14.82 -3.52
N MET A 679 9.73 15.21 -4.77
CA MET A 679 9.97 14.31 -5.89
C MET A 679 11.43 13.92 -5.97
N LYS A 680 12.33 14.87 -5.71
CA LYS A 680 13.76 14.59 -5.76
C LYS A 680 14.17 13.58 -4.70
N VAL A 681 13.63 13.72 -3.48
CA VAL A 681 13.94 12.77 -2.41
C VAL A 681 13.42 11.38 -2.78
N LEU A 682 12.18 11.31 -3.26
CA LEU A 682 11.60 10.02 -3.61
C LEU A 682 12.33 9.39 -4.79
N MET A 683 12.77 10.20 -5.77
CA MET A 683 13.55 9.65 -6.87
C MET A 683 14.84 9.00 -6.36
N LYS A 684 15.54 9.68 -5.46
CA LYS A 684 16.78 9.10 -4.91
C LYS A 684 16.49 7.81 -4.16
N GLN A 685 15.37 7.77 -3.42
CA GLN A 685 15.04 6.57 -2.65
C GLN A 685 14.70 5.40 -3.57
N GLY A 686 13.92 5.65 -4.63
CA GLY A 686 13.56 4.58 -5.54
C GLY A 686 14.75 4.00 -6.27
N GLU A 687 15.75 4.84 -6.56
CA GLU A 687 16.97 4.33 -7.21
C GLU A 687 17.76 3.43 -6.26
N ALA A 688 17.88 3.83 -4.99
CA ALA A 688 18.57 2.99 -4.02
C ALA A 688 17.82 1.69 -3.79
N LEU A 689 16.49 1.74 -3.81
CA LEU A 689 15.71 0.52 -3.67
C LEU A 689 15.90 -0.40 -4.86
N SER A 690 16.07 0.18 -6.06
CA SER A 690 16.36 -0.64 -7.23
C SER A 690 17.71 -1.33 -7.10
N LYS A 691 18.72 -0.61 -6.60
CA LYS A 691 20.03 -1.21 -6.42
C LYS A 691 20.01 -2.31 -5.36
N LEU A 692 19.22 -2.12 -4.29
CA LEU A 692 19.13 -3.14 -3.26
C LEU A 692 18.46 -4.41 -3.78
N LYS A 693 17.42 -4.26 -4.61
CA LYS A 693 16.77 -5.42 -5.21
C LYS A 693 17.76 -6.22 -6.04
N ALA A 694 18.52 -5.54 -6.91
CA ALA A 694 19.55 -6.22 -7.68
C ALA A 694 20.62 -6.82 -6.78
N LEU A 695 20.95 -6.11 -5.70
CA LEU A 695 21.93 -6.62 -4.74
C LEU A 695 21.43 -7.89 -4.07
N ASN A 696 20.18 -7.87 -3.59
CA ASN A 696 19.61 -9.05 -2.95
C ASN A 696 19.49 -10.20 -3.94
N ASP A 697 19.15 -9.90 -5.19
CA ASP A 697 19.10 -10.93 -6.22
C ASP A 697 20.46 -11.60 -6.41
N PHE A 698 21.53 -10.78 -6.41
CA PHE A 698 22.88 -11.33 -6.51
C PHE A 698 23.18 -12.24 -5.34
N VAL A 699 22.81 -11.83 -4.12
CA VAL A 699 23.09 -12.63 -2.94
C VAL A 699 22.27 -13.92 -2.97
N LYS A 700 20.99 -13.82 -3.34
CA LYS A 700 20.15 -15.01 -3.40
C LYS A 700 20.72 -16.06 -4.35
N LEU A 701 21.20 -15.62 -5.52
CA LEU A 701 21.72 -16.56 -6.51
C LEU A 701 23.07 -17.13 -6.08
N SER A 702 23.86 -16.37 -5.32
CA SER A 702 25.20 -16.78 -4.94
C SER A 702 25.26 -17.45 -3.56
N SER A 703 24.22 -17.30 -2.73
CA SER A 703 24.24 -17.89 -1.40
C SER A 703 23.98 -19.39 -1.41
N GLN A 704 23.40 -19.92 -2.48
CA GLN A 704 23.12 -21.35 -2.54
C GLN A 704 24.32 -22.17 -3.04
N LYS A 705 25.26 -21.54 -3.74
CA LYS A 705 26.43 -22.23 -4.27
C LYS A 705 27.68 -22.01 -3.45
N THR A 706 27.81 -20.85 -2.81
CA THR A 706 28.99 -20.49 -2.04
C THR A 706 28.61 -20.24 -0.59
N PRO A 707 29.38 -20.75 0.38
CA PRO A 707 29.04 -20.54 1.79
C PRO A 707 28.95 -19.05 2.13
N LYS A 708 28.22 -18.78 3.21
CA LYS A 708 27.98 -17.39 3.62
C LYS A 708 29.24 -16.57 3.81
N PRO A 709 30.33 -17.06 4.43
CA PRO A 709 31.52 -16.22 4.59
C PRO A 709 32.04 -15.61 3.30
N GLN A 710 32.09 -16.37 2.20
CA GLN A 710 32.64 -15.87 0.95
C GLN A 710 31.62 -15.10 0.12
N THR A 711 30.33 -15.20 0.44
CA THR A 711 29.33 -14.42 -0.29
C THR A 711 29.28 -12.98 0.18
N LYS A 712 29.73 -12.71 1.40
CA LYS A 712 29.69 -11.34 1.93
C LYS A 712 30.55 -10.40 1.12
N GLU A 713 31.77 -10.84 0.76
CA GLU A 713 32.66 -9.96 0.01
C GLU A 713 32.21 -9.80 -1.43
N LEU A 714 31.54 -10.82 -1.98
CA LEU A 714 30.94 -10.67 -3.30
C LEU A 714 29.86 -9.59 -3.27
N MET A 715 29.07 -9.54 -2.20
CA MET A 715 28.20 -8.40 -1.95
C MET A 715 28.99 -7.10 -1.93
N HIS A 716 30.02 -7.06 -1.07
CA HIS A 716 30.81 -5.85 -0.90
C HIS A 716 31.37 -5.36 -2.23
N LEU A 717 31.89 -6.28 -3.05
CA LEU A 717 32.43 -5.89 -4.34
C LEU A 717 31.35 -5.29 -5.23
N CYS A 718 30.13 -5.80 -5.14
CA CYS A 718 29.02 -5.24 -5.90
C CYS A 718 28.57 -3.89 -5.36
N MET A 719 28.84 -3.60 -4.08
CA MET A 719 28.38 -2.36 -3.47
C MET A 719 29.34 -1.20 -3.70
N ARG A 720 30.65 -1.45 -3.69
CA ARG A 720 31.61 -0.37 -3.85
C ARG A 720 31.74 0.11 -5.29
N GLN A 721 30.93 -0.40 -6.21
CA GLN A 721 30.89 0.15 -7.55
C GLN A 721 30.36 1.58 -7.51
N GLU A 722 30.90 2.43 -8.41
CA GLU A 722 30.55 3.85 -8.39
C GLU A 722 29.05 4.06 -8.52
N ALA A 723 28.40 3.31 -9.43
CA ALA A 723 26.95 3.42 -9.57
C ALA A 723 26.23 2.92 -8.33
N TYR A 724 26.66 1.78 -7.81
CA TYR A 724 26.03 1.22 -6.60
C TYR A 724 26.28 2.11 -5.39
N LEU A 725 27.55 2.46 -5.15
CA LEU A 725 27.89 3.23 -3.96
C LEU A 725 27.21 4.59 -3.96
N GLU A 726 27.16 5.26 -5.12
CA GLU A 726 26.53 6.57 -5.18
C GLU A 726 25.03 6.49 -5.00
N ALA A 727 24.41 5.41 -5.47
CA ALA A 727 22.96 5.30 -5.39
C ALA A 727 22.49 4.93 -3.98
N LEU A 728 23.28 4.15 -3.24
CA LEU A 728 22.91 3.74 -1.89
C LEU A 728 23.35 4.73 -0.83
N SER A 729 23.92 5.87 -1.21
CA SER A 729 24.47 6.81 -0.25
C SER A 729 23.76 8.16 -0.37
N HIS A 730 23.83 8.93 0.73
CA HIS A 730 23.35 10.31 0.77
C HIS A 730 21.88 10.41 0.37
N LEU A 731 21.03 9.81 1.19
CA LEU A 731 19.59 9.81 0.92
C LEU A 731 18.84 9.92 2.23
N GLN A 732 17.56 10.29 2.12
CA GLN A 732 16.64 10.25 3.24
C GLN A 732 16.04 8.86 3.34
N SER A 733 15.98 8.34 4.57
CA SER A 733 15.43 7.00 4.77
C SER A 733 13.96 6.99 4.40
N PRO A 734 13.49 5.98 3.65
CA PRO A 734 12.04 5.87 3.41
C PRO A 734 11.27 5.52 4.66
N LEU A 735 11.91 4.86 5.65
CA LEU A 735 11.21 4.55 6.88
C LEU A 735 10.96 5.79 7.72
N ASP A 736 11.81 6.80 7.56
CA ASP A 736 11.68 8.08 8.25
C ASP A 736 12.38 9.16 7.44
N PRO A 737 11.64 10.04 6.76
CA PRO A 737 12.30 11.04 5.91
C PRO A 737 13.18 12.02 6.67
N SER A 738 13.03 12.11 7.99
CA SER A 738 13.91 12.96 8.79
C SER A 738 15.22 12.27 9.15
N THR A 739 15.32 10.96 8.97
CA THR A 739 16.56 10.24 9.22
C THR A 739 17.42 10.24 7.96
N LEU A 740 18.65 10.70 8.10
CA LEU A 740 19.58 10.86 6.98
C LEU A 740 20.48 9.63 6.89
N LEU A 741 20.46 8.97 5.74
CA LEU A 741 21.32 7.82 5.47
C LEU A 741 22.45 8.30 4.57
N ALA A 742 23.56 8.70 5.18
CA ALA A 742 24.66 9.33 4.45
C ALA A 742 25.63 8.30 3.88
N GLU A 743 26.67 7.98 4.64
CA GLU A 743 27.74 7.10 4.17
C GLU A 743 27.41 5.65 4.48
N VAL A 744 27.55 4.79 3.48
CA VAL A 744 27.32 3.36 3.65
C VAL A 744 28.57 2.73 4.26
N CYS A 745 28.39 2.02 5.38
CA CYS A 745 29.47 1.22 5.97
C CYS A 745 29.44 -0.13 5.29
N VAL A 746 30.19 -0.23 4.19
CA VAL A 746 30.18 -1.46 3.38
C VAL A 746 30.62 -2.65 4.23
N GLU A 747 31.60 -2.45 5.11
CA GLU A 747 32.13 -3.54 5.92
C GLU A 747 31.05 -4.10 6.85
N GLN A 748 30.20 -3.24 7.40
CA GLN A 748 29.16 -3.68 8.32
C GLN A 748 27.91 -4.22 7.61
N CYS A 749 27.89 -4.19 6.28
CA CYS A 749 26.76 -4.75 5.55
C CYS A 749 26.90 -6.27 5.43
N THR A 750 25.78 -6.97 5.59
CA THR A 750 25.78 -8.43 5.50
C THR A 750 24.39 -8.87 5.05
N PHE A 751 24.05 -10.13 5.30
CA PHE A 751 22.77 -10.69 4.93
C PHE A 751 22.43 -11.84 5.86
N MET A 752 21.26 -12.44 5.63
CA MET A 752 20.76 -13.56 6.42
C MET A 752 20.68 -14.79 5.54
N ASP A 753 21.45 -15.82 5.86
CA ASP A 753 21.46 -17.03 5.06
C ASP A 753 20.31 -17.97 5.46
N SER A 754 19.11 -17.41 5.55
CA SER A 754 17.90 -18.20 5.77
C SER A 754 16.95 -17.98 4.60
N LYS A 755 15.66 -18.06 4.86
CA LYS A 755 14.68 -17.74 3.82
C LYS A 755 14.77 -16.26 3.47
N MET A 756 14.47 -15.96 2.21
CA MET A 756 14.28 -14.60 1.70
C MET A 756 15.60 -13.84 1.57
N LYS A 757 16.58 -14.24 2.33
CA LYS A 757 17.91 -13.63 2.37
C LYS A 757 17.81 -12.12 2.49
N PRO A 758 17.28 -11.60 3.60
CA PRO A 758 17.20 -10.15 3.75
C PRO A 758 18.58 -9.54 3.97
N LEU A 759 18.73 -8.30 3.51
CA LEU A 759 19.99 -7.58 3.58
C LEU A 759 20.04 -6.69 4.81
N TRP A 760 21.23 -6.54 5.37
CA TRP A 760 21.49 -5.73 6.55
C TRP A 760 22.43 -4.60 6.11
N ILE A 761 21.88 -3.40 5.93
CA ILE A 761 22.62 -2.25 5.41
C ILE A 761 22.86 -1.27 6.54
N MET A 762 24.12 -0.97 6.81
CA MET A 762 24.51 -0.03 7.85
C MET A 762 24.91 1.31 7.25
N TYR A 763 24.73 2.37 8.04
CA TYR A 763 25.05 3.73 7.62
C TYR A 763 25.79 4.45 8.74
N SER A 764 26.30 5.64 8.42
CA SER A 764 26.97 6.48 9.39
C SER A 764 26.83 7.93 8.97
N ASN A 765 26.16 8.73 9.80
CA ASN A 765 25.95 10.14 9.53
C ASN A 765 26.65 11.03 10.55
N GLU A 766 26.24 12.29 10.65
CA GLU A 766 26.82 13.22 11.60
C GLU A 766 25.84 13.49 12.73
N SER A 773 24.78 6.90 12.70
CA SER A 773 24.81 5.44 12.61
C SER A 773 23.41 4.84 12.65
N VAL A 774 22.84 4.57 11.48
CA VAL A 774 21.51 4.01 11.36
C VAL A 774 21.57 2.76 10.49
N GLY A 775 20.64 1.85 10.72
CA GLY A 775 20.55 0.63 9.93
C GLY A 775 19.19 0.44 9.33
N ILE A 776 19.16 -0.29 8.21
CA ILE A 776 17.91 -0.69 7.56
C ILE A 776 18.03 -2.14 7.13
N ILE A 777 16.88 -2.77 6.94
CA ILE A 777 16.79 -4.16 6.49
C ILE A 777 15.97 -4.18 5.22
N PHE A 778 16.57 -4.68 4.14
CA PHE A 778 15.90 -4.79 2.85
C PHE A 778 15.42 -6.23 2.69
N LYS A 779 14.12 -6.44 2.82
CA LYS A 779 13.52 -7.76 2.71
C LYS A 779 12.76 -7.87 1.39
N ASN A 780 13.15 -8.84 0.56
CA ASN A 780 12.49 -9.08 -0.71
C ASN A 780 11.97 -10.51 -0.76
N GLY A 781 10.70 -10.67 -1.11
CA GLY A 781 10.12 -12.00 -1.23
C GLY A 781 8.78 -12.13 -0.54
N ASP A 782 8.58 -11.36 0.53
CA ASP A 782 7.37 -11.45 1.32
C ASP A 782 6.66 -10.10 1.34
N ASP A 783 5.33 -10.13 1.25
CA ASP A 783 4.56 -8.92 1.44
C ASP A 783 4.68 -8.49 2.90
N LEU A 784 5.16 -7.28 3.14
CA LEU A 784 5.36 -6.77 4.49
C LEU A 784 4.18 -5.95 4.98
N ARG A 785 3.03 -6.01 4.28
CA ARG A 785 1.89 -5.20 4.68
C ARG A 785 1.31 -5.66 6.00
N GLN A 786 1.16 -6.98 6.18
CA GLN A 786 0.64 -7.48 7.45
C GLN A 786 1.59 -7.14 8.61
N ASP A 787 2.90 -7.17 8.35
CA ASP A 787 3.84 -6.78 9.39
C ASP A 787 3.78 -5.30 9.67
N MET A 788 3.49 -4.48 8.66
CA MET A 788 3.30 -3.06 8.90
C MET A 788 2.06 -2.82 9.75
N LEU A 789 0.94 -3.47 9.39
CA LEU A 789 -0.28 -3.33 10.17
C LEU A 789 -0.07 -3.78 11.60
N THR A 790 0.66 -4.88 11.81
CA THR A 790 0.92 -5.36 13.15
C THR A 790 1.70 -4.34 13.96
N LEU A 791 2.85 -3.90 13.43
CA LEU A 791 3.65 -2.90 14.13
C LEU A 791 2.90 -1.59 14.30
N GLN A 792 2.06 -1.23 13.33
CA GLN A 792 1.28 -0.01 13.46
C GLN A 792 0.26 -0.13 14.60
N MET A 793 -0.35 -1.31 14.74
CA MET A 793 -1.32 -1.51 15.82
C MET A 793 -0.63 -1.55 17.18
N ILE A 794 0.56 -2.13 17.26
CA ILE A 794 1.33 -2.06 18.50
C ILE A 794 1.67 -0.61 18.83
N GLN A 795 2.11 0.15 17.83
CA GLN A 795 2.43 1.55 18.04
C GLN A 795 1.19 2.34 18.46
N LEU A 796 0.02 1.96 17.96
CA LEU A 796 -1.22 2.63 18.36
C LEU A 796 -1.55 2.33 19.82
N MET A 797 -1.30 1.10 20.28
CA MET A 797 -1.51 0.79 21.69
C MET A 797 -0.56 1.59 22.57
N ASP A 798 0.67 1.80 22.09
CA ASP A 798 1.64 2.60 22.84
C ASP A 798 1.16 4.04 23.00
N VAL A 799 0.60 4.62 21.93
CA VAL A 799 0.11 6.00 22.02
C VAL A 799 -1.11 6.07 22.93
N LEU A 800 -2.03 5.11 22.79
CA LEU A 800 -3.21 5.09 23.65
C LEU A 800 -2.83 4.92 25.12
N TRP A 801 -1.79 4.15 25.41
CA TRP A 801 -1.36 3.98 26.80
C TRP A 801 -0.70 5.25 27.32
N LYS A 802 0.17 5.88 26.52
CA LYS A 802 0.81 7.12 26.95
C LYS A 802 -0.20 8.25 27.14
N GLN A 803 -1.35 8.19 26.46
CA GLN A 803 -2.40 9.17 26.69
C GLN A 803 -3.06 9.01 28.05
N GLU A 804 -2.86 7.87 28.72
CA GLU A 804 -3.36 7.65 30.06
C GLU A 804 -2.25 7.63 31.10
N GLY A 805 -1.09 8.20 30.77
CA GLY A 805 0.01 8.25 31.71
C GLY A 805 0.72 6.93 31.93
N LEU A 806 0.56 5.98 31.01
CA LEU A 806 1.15 4.65 31.14
C LEU A 806 2.20 4.50 30.04
N ASP A 807 3.47 4.65 30.41
CA ASP A 807 4.59 4.45 29.50
C ASP A 807 5.15 3.06 29.75
N LEU A 808 4.99 2.16 28.78
CA LEU A 808 5.47 0.79 28.89
C LEU A 808 6.80 0.57 28.18
N ARG A 809 7.52 1.64 27.87
CA ARG A 809 8.85 1.56 27.28
C ARG A 809 8.86 0.70 26.03
N MET A 810 7.98 1.05 25.09
CA MET A 810 7.87 0.27 23.87
C MET A 810 9.07 0.51 22.95
N THR A 811 9.13 -0.27 21.88
CA THR A 811 10.08 -0.08 20.79
C THR A 811 9.31 -0.11 19.48
N PRO A 812 8.60 0.97 19.15
CA PRO A 812 7.75 0.99 17.93
C PRO A 812 8.56 1.27 16.67
N TYR A 813 9.38 0.30 16.27
CA TYR A 813 10.13 0.44 15.04
C TYR A 813 9.21 0.30 13.83
N GLY A 814 9.67 0.82 12.70
CA GLY A 814 8.84 0.94 11.51
C GLY A 814 9.08 -0.13 10.48
N CYS A 815 8.04 -0.41 9.70
CA CYS A 815 8.11 -1.37 8.60
C CYS A 815 7.37 -0.76 7.41
N LEU A 816 8.01 -0.77 6.24
CA LEU A 816 7.41 -0.07 5.11
C LEU A 816 7.51 -0.86 3.82
N PRO A 817 6.40 -1.37 3.30
CA PRO A 817 6.43 -1.99 1.97
C PRO A 817 6.67 -0.93 0.90
N THR A 818 7.57 -1.22 -0.03
CA THR A 818 7.90 -0.30 -1.10
C THR A 818 7.52 -0.81 -2.49
N GLY A 819 7.33 -2.11 -2.65
CA GLY A 819 7.00 -2.64 -3.95
C GLY A 819 6.51 -4.07 -3.86
N ASP A 820 6.52 -4.74 -5.01
CA ASP A 820 6.08 -6.13 -5.13
C ASP A 820 6.90 -7.05 -4.25
N ARG A 821 6.33 -7.49 -3.12
CA ARG A 821 7.02 -8.35 -2.16
C ARG A 821 8.36 -7.74 -1.76
N THR A 822 8.37 -6.43 -1.56
CA THR A 822 9.59 -5.70 -1.26
C THR A 822 9.27 -4.62 -0.23
N GLY A 823 10.09 -4.55 0.81
CA GLY A 823 9.93 -3.52 1.83
C GLY A 823 11.21 -3.30 2.58
N LEU A 824 11.17 -2.32 3.48
CA LEU A 824 12.27 -2.02 4.38
C LEU A 824 11.81 -2.16 5.82
N ILE A 825 12.74 -2.54 6.69
CA ILE A 825 12.48 -2.72 8.12
C ILE A 825 13.47 -1.84 8.89
N GLU A 826 12.94 -1.02 9.80
CA GLU A 826 13.79 -0.23 10.67
C GLU A 826 14.60 -1.13 11.59
N VAL A 827 15.86 -0.75 11.84
CA VAL A 827 16.77 -1.52 12.65
C VAL A 827 16.93 -0.82 14.00
N VAL A 828 16.72 -1.56 15.08
CA VAL A 828 16.94 -1.05 16.43
C VAL A 828 18.36 -1.44 16.85
N LEU A 829 19.20 -0.44 17.10
CA LEU A 829 20.57 -0.68 17.51
C LEU A 829 20.61 -1.23 18.93
N ARG A 830 21.76 -1.83 19.28
CA ARG A 830 22.01 -2.34 20.62
C ARG A 830 20.91 -3.31 21.07
N SER A 831 20.64 -4.29 20.21
CA SER A 831 19.59 -5.27 20.47
C SER A 831 20.04 -6.65 19.99
N ASP A 832 19.53 -7.68 20.64
CA ASP A 832 19.87 -9.06 20.31
C ASP A 832 18.69 -9.96 20.66
N THR A 833 18.65 -11.13 20.03
CA THR A 833 17.56 -12.06 20.25
C THR A 833 17.66 -12.71 21.63
N ILE A 834 16.52 -13.26 22.07
CA ILE A 834 16.51 -14.08 23.29
C ILE A 834 17.51 -15.23 23.16
N ALA A 835 17.47 -15.93 22.02
CA ALA A 835 18.32 -17.10 21.82
C ALA A 835 19.79 -16.74 21.90
N ASN A 836 20.25 -15.84 21.03
CA ASN A 836 21.67 -15.51 20.96
C ASN A 836 22.23 -15.10 22.31
N ILE A 837 21.40 -14.55 23.19
CA ILE A 837 21.87 -14.19 24.53
C ILE A 837 21.90 -15.41 25.43
N GLN A 838 20.95 -16.34 25.25
CA GLN A 838 20.87 -17.53 26.09
C GLN A 838 21.81 -18.64 25.67
N LEU A 839 22.60 -18.45 24.60
CA LEU A 839 23.60 -19.43 24.19
C LEU A 839 25.03 -18.97 24.47
N ASN A 840 25.22 -17.78 25.03
CA ASN A 840 26.55 -17.25 25.33
C ASN A 840 27.43 -17.20 24.10
N ASN A 851 21.68 -21.44 35.58
CA ASN A 851 21.92 -22.15 34.33
C ASN A 851 21.51 -21.29 33.15
N LYS A 852 20.24 -20.87 33.14
CA LYS A 852 19.70 -20.01 32.09
C LYS A 852 19.58 -18.56 32.52
N ASP A 853 20.28 -18.17 33.59
CA ASP A 853 20.30 -16.79 34.05
C ASP A 853 21.12 -15.87 33.16
N ALA A 854 21.50 -16.32 31.97
CA ALA A 854 22.24 -15.46 31.04
C ALA A 854 21.47 -14.19 30.72
N LEU A 855 20.14 -14.23 30.84
CA LEU A 855 19.36 -13.01 30.69
C LEU A 855 19.73 -11.98 31.75
N LEU A 856 19.67 -12.38 33.02
CA LEU A 856 20.02 -11.46 34.09
C LEU A 856 21.49 -11.08 34.04
N ASN A 857 22.36 -12.02 33.66
CA ASN A 857 23.79 -11.73 33.60
C ASN A 857 24.10 -10.76 32.46
N TRP A 858 23.44 -10.92 31.32
CA TRP A 858 23.64 -9.98 30.22
C TRP A 858 23.17 -8.58 30.61
N LEU A 859 22.06 -8.49 31.35
CA LEU A 859 21.59 -7.19 31.82
C LEU A 859 22.56 -6.58 32.82
N LYS A 860 23.21 -7.42 33.64
CA LYS A 860 24.19 -6.90 34.58
C LYS A 860 25.43 -6.38 33.85
N SER A 861 25.86 -7.08 32.80
CA SER A 861 27.02 -6.63 32.03
C SER A 861 26.68 -5.46 31.10
N LYS A 862 25.41 -5.25 30.78
CA LYS A 862 25.00 -4.10 29.99
C LYS A 862 24.51 -2.94 30.85
N ASN A 863 24.19 -3.18 32.12
CA ASN A 863 23.74 -2.14 33.04
C ASN A 863 24.43 -2.38 34.37
N PRO A 864 25.67 -1.92 34.52
CA PRO A 864 26.44 -2.25 35.72
C PRO A 864 25.96 -1.48 36.94
N GLY A 865 26.02 -2.14 38.09
CA GLY A 865 25.74 -1.52 39.38
C GLY A 865 24.37 -0.90 39.53
N GLU A 866 24.33 0.43 39.57
CA GLU A 866 23.06 1.13 39.79
C GLU A 866 22.14 1.02 38.58
N ALA A 867 22.71 0.87 37.38
CA ALA A 867 21.90 0.84 36.17
C ALA A 867 21.08 -0.43 36.03
N LEU A 868 21.39 -1.48 36.82
CA LEU A 868 20.62 -2.72 36.72
C LEU A 868 19.15 -2.48 37.05
N ASP A 869 18.88 -1.84 38.19
CA ASP A 869 17.51 -1.61 38.63
C ASP A 869 16.68 -0.94 37.54
N ARG A 870 17.22 0.13 36.93
CA ARG A 870 16.51 0.80 35.85
C ARG A 870 16.24 -0.15 34.69
N ALA A 871 17.21 -0.99 34.34
CA ALA A 871 17.03 -1.90 33.22
C ALA A 871 15.96 -2.93 33.52
N ILE A 872 15.91 -3.43 34.76
CA ILE A 872 14.88 -4.40 35.13
C ILE A 872 13.50 -3.77 35.04
N GLU A 873 13.39 -2.48 35.35
CA GLU A 873 12.11 -1.80 35.26
C GLU A 873 11.66 -1.67 33.80
N GLU A 874 12.58 -1.29 32.90
CA GLU A 874 12.24 -1.22 31.48
C GLU A 874 11.82 -2.59 30.96
N PHE A 875 12.49 -3.65 31.43
CA PHE A 875 12.09 -5.00 31.04
C PHE A 875 10.68 -5.31 31.53
N THR A 876 10.37 -4.93 32.76
CA THR A 876 9.06 -5.26 33.34
C THR A 876 7.94 -4.59 32.57
N LEU A 877 8.07 -3.28 32.31
CA LEU A 877 7.04 -2.56 31.57
C LEU A 877 6.92 -3.06 30.14
N SER A 878 8.05 -3.24 29.46
CA SER A 878 8.00 -3.66 28.07
C SER A 878 7.47 -5.08 27.94
N CYS A 879 7.78 -5.94 28.91
CA CYS A 879 7.25 -7.29 28.88
C CYS A 879 5.73 -7.29 29.02
N ALA A 880 5.19 -6.44 29.90
CA ALA A 880 3.75 -6.39 30.10
C ALA A 880 3.04 -5.91 28.83
N GLY A 881 3.53 -4.82 28.25
CA GLY A 881 2.84 -4.26 27.10
C GLY A 881 2.89 -5.17 25.88
N TYR A 882 4.01 -5.85 25.67
CA TYR A 882 4.09 -6.77 24.55
C TYR A 882 3.37 -8.08 24.83
N CYS A 883 3.27 -8.49 26.10
CA CYS A 883 2.44 -9.64 26.44
C CYS A 883 0.98 -9.35 26.12
N VAL A 884 0.48 -8.19 26.56
CA VAL A 884 -0.90 -7.83 26.32
C VAL A 884 -1.14 -7.61 24.83
N ALA A 885 -0.20 -6.96 24.15
CA ALA A 885 -0.35 -6.69 22.72
C ALA A 885 -0.45 -7.99 21.92
N THR A 886 0.48 -8.92 22.16
CA THR A 886 0.49 -10.16 21.40
C THR A 886 -0.76 -10.99 21.67
N TYR A 887 -1.30 -10.93 22.89
CA TYR A 887 -2.51 -11.67 23.20
C TYR A 887 -3.73 -11.04 22.52
N VAL A 888 -3.80 -9.71 22.51
CA VAL A 888 -4.94 -9.03 21.91
C VAL A 888 -4.99 -9.29 20.41
N LEU A 889 -3.84 -9.15 19.74
CA LEU A 889 -3.78 -9.36 18.30
C LEU A 889 -3.72 -10.83 17.90
N GLY A 890 -3.63 -11.74 18.87
CA GLY A 890 -3.61 -13.16 18.58
C GLY A 890 -2.36 -13.62 17.87
N ILE A 891 -1.19 -13.18 18.34
CA ILE A 891 0.08 -13.48 17.70
C ILE A 891 0.76 -14.57 18.52
N GLY A 892 0.59 -15.82 18.09
CA GLY A 892 1.26 -16.95 18.70
C GLY A 892 2.62 -17.20 18.08
N ASP A 893 3.16 -18.40 18.35
CA ASP A 893 4.47 -18.80 17.85
C ASP A 893 5.57 -17.86 18.34
N ARG A 894 5.53 -17.53 19.63
CA ARG A 894 6.52 -16.64 20.24
C ARG A 894 7.59 -17.51 20.90
N HIS A 895 8.81 -17.45 20.36
CA HIS A 895 9.91 -18.24 20.89
C HIS A 895 11.19 -17.43 20.78
N SER A 896 12.25 -17.98 21.40
CA SER A 896 13.50 -17.25 21.60
C SER A 896 14.03 -16.57 20.33
N ASP A 897 13.58 -16.99 19.15
CA ASP A 897 14.11 -16.41 17.93
C ASP A 897 13.48 -15.07 17.58
N ASN A 898 12.20 -14.87 17.93
CA ASN A 898 11.47 -13.68 17.47
C ASN A 898 11.19 -12.69 18.60
N ILE A 899 11.93 -12.77 19.71
CA ILE A 899 11.91 -11.74 20.75
C ILE A 899 13.32 -11.23 20.96
N MET A 900 13.45 -9.90 21.07
CA MET A 900 14.74 -9.25 21.25
C MET A 900 14.75 -8.43 22.54
N ILE A 901 15.97 -8.12 23.00
CA ILE A 901 16.17 -7.26 24.16
C ILE A 901 17.08 -6.11 23.76
N ARG A 902 16.77 -4.93 24.25
CA ARG A 902 17.68 -3.80 24.13
C ARG A 902 18.66 -3.79 25.30
N GLU A 903 19.79 -3.13 25.11
CA GLU A 903 20.77 -3.02 26.18
C GLU A 903 20.25 -2.22 27.37
N SER A 904 19.19 -1.44 27.16
CA SER A 904 18.51 -0.74 28.25
C SER A 904 17.58 -1.65 29.04
N GLY A 905 17.41 -2.90 28.62
CA GLY A 905 16.44 -3.80 29.20
C GLY A 905 15.13 -3.89 28.45
N GLN A 906 14.89 -3.00 27.48
CA GLN A 906 13.63 -3.00 26.75
C GLN A 906 13.51 -4.24 25.88
N LEU A 907 12.36 -4.90 25.97
CA LEU A 907 12.05 -6.06 25.16
C LEU A 907 11.10 -5.66 24.02
N PHE A 908 11.20 -6.38 22.91
CA PHE A 908 10.27 -6.18 21.80
C PHE A 908 10.31 -7.41 20.90
N HIS A 909 9.39 -7.45 19.94
CA HIS A 909 9.15 -8.62 19.11
C HIS A 909 9.48 -8.33 17.66
N ILE A 910 9.83 -9.39 16.92
CA ILE A 910 10.10 -9.35 15.49
C ILE A 910 9.38 -10.49 14.81
N ASP A 911 9.28 -10.39 13.48
CA ASP A 911 8.84 -11.47 12.61
C ASP A 911 7.48 -12.02 13.05
N PHE A 912 6.46 -11.17 12.89
CA PHE A 912 5.08 -11.57 13.14
C PHE A 912 4.58 -12.28 11.90
N GLY A 913 4.66 -13.62 11.90
CA GLY A 913 4.22 -14.38 10.74
C GLY A 913 2.71 -14.37 10.59
N HIS A 914 1.98 -14.49 11.69
CA HIS A 914 0.53 -14.57 11.66
C HIS A 914 -0.03 -13.82 12.87
N PHE A 915 -1.30 -13.41 12.76
CA PHE A 915 -2.02 -12.79 13.86
C PHE A 915 -3.46 -13.28 13.84
N LEU A 916 -4.24 -12.82 14.83
CA LEU A 916 -5.64 -13.20 14.97
C LEU A 916 -5.79 -14.72 15.13
N GLY A 917 -4.84 -15.34 15.83
CA GLY A 917 -4.93 -16.73 16.19
C GLY A 917 -4.54 -17.72 15.11
N ASN A 918 -3.90 -17.26 14.03
CA ASN A 918 -3.53 -18.15 12.94
C ASN A 918 -2.14 -18.75 13.18
N PHE A 919 -1.97 -20.00 12.79
CA PHE A 919 -0.69 -20.68 12.90
C PHE A 919 -0.58 -21.70 11.76
N LYS A 920 0.56 -22.38 11.70
CA LYS A 920 0.81 -23.40 10.69
C LYS A 920 -0.16 -24.57 10.83
N ASN A 926 -4.41 -22.57 10.06
CA ASN A 926 -5.31 -23.03 11.11
C ASN A 926 -5.55 -21.92 12.15
N ARG A 927 -6.77 -21.86 12.69
CA ARG A 927 -7.17 -20.80 13.61
C ARG A 927 -7.63 -21.38 14.94
N GLU A 928 -7.45 -20.58 15.99
CA GLU A 928 -7.66 -20.96 17.39
C GLU A 928 -7.15 -19.81 18.25
N ARG A 929 -7.87 -19.43 19.31
CA ARG A 929 -7.40 -18.33 20.14
CA ARG A 929 -7.40 -18.33 20.14
C ARG A 929 -6.07 -18.67 20.80
N VAL A 930 -5.10 -17.80 20.60
CA VAL A 930 -3.79 -17.90 21.24
C VAL A 930 -3.98 -17.48 22.69
N PRO A 931 -3.68 -18.33 23.66
CA PRO A 931 -3.87 -17.95 25.07
C PRO A 931 -2.89 -16.87 25.48
N PHE A 932 -3.17 -16.27 26.63
CA PHE A 932 -2.20 -15.37 27.25
C PHE A 932 -0.98 -16.18 27.68
N ILE A 933 0.21 -15.69 27.34
CA ILE A 933 1.45 -16.43 27.53
C ILE A 933 2.34 -15.70 28.52
N LEU A 934 2.74 -16.40 29.57
CA LEU A 934 3.79 -15.96 30.48
C LEU A 934 4.96 -16.92 30.35
N THR A 935 6.18 -16.38 30.35
CA THR A 935 7.39 -17.16 30.13
C THR A 935 8.26 -17.12 31.37
N TYR A 936 8.52 -18.29 31.97
CA TYR A 936 9.30 -18.35 33.20
C TYR A 936 10.64 -17.67 33.05
N ASP A 937 11.31 -17.85 31.90
CA ASP A 937 12.57 -17.15 31.65
C ASP A 937 12.41 -15.65 31.84
N PHE A 938 11.25 -15.10 31.47
CA PHE A 938 10.98 -13.68 31.70
C PHE A 938 10.62 -13.42 33.15
N VAL A 939 9.65 -14.18 33.70
CA VAL A 939 9.25 -14.02 35.09
C VAL A 939 10.43 -14.07 36.05
N HIS A 940 11.50 -14.77 35.65
CA HIS A 940 12.72 -14.75 36.45
C HIS A 940 13.32 -13.35 36.55
N VAL A 941 13.16 -12.54 35.49
CA VAL A 941 13.80 -11.24 35.45
C VAL A 941 12.98 -10.19 36.20
N ILE A 942 11.64 -10.19 36.05
CA ILE A 942 10.85 -9.26 36.87
C ILE A 942 11.02 -9.53 38.35
N GLN A 943 11.25 -10.77 38.75
CA GLN A 943 11.44 -11.10 40.16
C GLN A 943 12.89 -10.91 40.61
N GLN A 944 13.71 -10.25 39.79
CA GLN A 944 15.10 -9.91 40.13
C GLN A 944 15.92 -11.12 40.57
N GLY A 945 15.59 -12.30 40.05
CA GLY A 945 16.30 -13.51 40.37
C GLY A 945 15.77 -14.27 41.57
N LYS A 946 14.96 -13.64 42.42
CA LYS A 946 14.38 -14.32 43.56
C LYS A 946 13.33 -15.33 43.12
N THR A 947 13.19 -16.40 43.91
CA THR A 947 12.17 -17.39 43.61
C THR A 947 10.77 -16.81 43.79
N ASN A 948 10.60 -15.93 44.76
CA ASN A 948 9.30 -15.33 45.06
C ASN A 948 9.53 -13.87 45.43
N ASN A 949 9.09 -12.96 44.55
CA ASN A 949 9.10 -11.52 44.81
C ASN A 949 7.68 -11.03 44.53
N SER A 950 6.81 -11.14 45.54
CA SER A 950 5.39 -10.86 45.34
C SER A 950 5.18 -9.42 44.91
N GLU A 951 5.82 -8.47 45.60
CA GLU A 951 5.60 -7.06 45.33
C GLU A 951 5.87 -6.71 43.87
N LYS A 952 7.03 -7.13 43.35
CA LYS A 952 7.37 -6.84 41.96
C LYS A 952 6.38 -7.51 41.00
N PHE A 953 5.89 -8.69 41.36
CA PHE A 953 5.01 -9.41 40.44
C PHE A 953 3.62 -8.80 40.39
N GLU A 954 3.11 -8.33 41.54
CA GLU A 954 1.82 -7.64 41.53
C GLU A 954 1.90 -6.32 40.76
N ARG A 955 3.05 -5.64 40.81
CA ARG A 955 3.23 -4.45 39.99
C ARG A 955 3.21 -4.81 38.51
N PHE A 956 3.84 -5.92 38.14
CA PHE A 956 3.81 -6.35 36.74
C PHE A 956 2.41 -6.74 36.30
N ARG A 957 1.62 -7.35 37.20
CA ARG A 957 0.25 -7.70 36.87
C ARG A 957 -0.61 -6.45 36.72
N GLY A 958 -0.42 -5.45 37.59
CA GLY A 958 -1.11 -4.19 37.41
C GLY A 958 -0.78 -3.52 36.10
N TYR A 959 0.48 -3.64 35.67
CA TYR A 959 0.87 -3.10 34.37
C TYR A 959 0.12 -3.80 33.25
N CYS A 960 0.02 -5.12 33.32
CA CYS A 960 -0.71 -5.88 32.30
C CYS A 960 -2.20 -5.51 32.31
N GLU A 961 -2.80 -5.42 33.50
CA GLU A 961 -4.23 -5.23 33.58
C GLU A 961 -4.63 -3.81 33.20
N ARG A 962 -3.83 -2.81 33.61
CA ARG A 962 -4.09 -1.44 33.19
C ARG A 962 -3.98 -1.31 31.67
N ALA A 963 -3.02 -2.00 31.06
CA ALA A 963 -2.87 -1.96 29.62
C ALA A 963 -4.07 -2.58 28.92
N TYR A 964 -4.47 -3.77 29.36
CA TYR A 964 -5.65 -4.43 28.79
C TYR A 964 -6.90 -3.59 29.00
N THR A 965 -6.99 -2.92 30.15
CA THR A 965 -8.16 -2.08 30.44
C THR A 965 -8.23 -0.90 29.48
N ILE A 966 -7.09 -0.24 29.25
CA ILE A 966 -7.07 0.91 28.34
C ILE A 966 -7.42 0.48 26.93
N LEU A 967 -6.93 -0.70 26.52
CA LEU A 967 -7.23 -1.20 25.18
C LEU A 967 -8.71 -1.49 25.01
N ARG A 968 -9.37 -2.01 26.06
CA ARG A 968 -10.81 -2.25 26.00
C ARG A 968 -11.58 -0.95 25.82
N ARG A 969 -11.06 0.15 26.36
CA ARG A 969 -11.74 1.44 26.23
C ARG A 969 -11.74 1.95 24.80
N HIS A 970 -10.83 1.45 23.95
CA HIS A 970 -10.75 1.88 22.56
C HIS A 970 -10.96 0.72 21.60
N GLY A 971 -11.74 -0.28 22.03
CA GLY A 971 -11.95 -1.45 21.18
C GLY A 971 -12.68 -1.12 19.90
N LEU A 972 -13.61 -0.18 19.94
CA LEU A 972 -14.33 0.21 18.73
C LEU A 972 -13.38 0.83 17.71
N LEU A 973 -12.36 1.55 18.17
CA LEU A 973 -11.36 2.08 17.25
C LEU A 973 -10.64 0.94 16.53
N PHE A 974 -10.20 -0.07 17.29
CA PHE A 974 -9.51 -1.20 16.69
C PHE A 974 -10.42 -1.97 15.74
N LEU A 975 -11.68 -2.16 16.13
CA LEU A 975 -12.62 -2.87 15.27
C LEU A 975 -12.83 -2.13 13.95
N HIS A 976 -13.05 -0.81 14.03
CA HIS A 976 -13.28 -0.02 12.83
C HIS A 976 -12.06 -0.02 11.91
N LEU A 977 -10.86 0.10 12.50
CA LEU A 977 -9.64 0.08 11.71
C LEU A 977 -9.46 -1.27 11.01
N PHE A 978 -9.79 -2.36 11.70
CA PHE A 978 -9.64 -3.68 11.11
C PHE A 978 -10.70 -3.93 10.05
N ALA A 979 -11.93 -3.42 10.26
CA ALA A 979 -12.98 -3.58 9.26
C ALA A 979 -12.60 -2.89 7.96
N LEU A 980 -12.05 -1.68 8.04
CA LEU A 980 -11.55 -1.01 6.85
C LEU A 980 -10.36 -1.74 6.26
N MET A 981 -9.54 -2.35 7.12
CA MET A 981 -8.36 -3.08 6.65
C MET A 981 -8.72 -4.34 5.86
N ARG A 982 -9.97 -4.79 5.93
CA ARG A 982 -10.37 -5.94 5.13
C ARG A 982 -10.27 -5.68 3.63
N ALA A 983 -10.25 -4.41 3.24
CA ALA A 983 -10.04 -4.07 1.83
C ALA A 983 -8.64 -4.42 1.35
N ALA A 984 -7.67 -4.54 2.26
CA ALA A 984 -6.29 -4.80 1.85
C ALA A 984 -6.12 -6.17 1.21
N GLY A 985 -7.00 -7.13 1.51
CA GLY A 985 -6.85 -8.46 0.98
C GLY A 985 -5.88 -9.34 1.72
N LEU A 986 -5.51 -8.98 2.94
CA LEU A 986 -4.62 -9.83 3.72
C LEU A 986 -5.31 -11.18 3.96
N PRO A 987 -4.62 -12.30 3.74
CA PRO A 987 -5.29 -13.61 3.88
C PRO A 987 -5.86 -13.85 5.26
N GLU A 988 -5.21 -13.34 6.31
CA GLU A 988 -5.65 -13.52 7.69
C GLU A 988 -6.53 -12.38 8.18
N LEU A 989 -7.09 -11.58 7.26
CA LEU A 989 -7.97 -10.47 7.60
C LEU A 989 -8.93 -10.28 6.41
N SER A 990 -9.92 -11.18 6.31
CA SER A 990 -10.81 -11.22 5.16
C SER A 990 -12.29 -11.34 5.51
N CYS A 991 -12.66 -11.92 6.64
CA CYS A 991 -14.05 -12.13 7.00
C CYS A 991 -14.34 -11.50 8.36
N SER A 992 -15.61 -11.58 8.78
CA SER A 992 -16.00 -11.06 10.08
C SER A 992 -15.54 -11.94 11.23
N LYS A 993 -15.07 -13.15 10.96
CA LYS A 993 -14.50 -13.98 12.02
C LYS A 993 -13.18 -13.40 12.51
N ASP A 994 -12.38 -12.85 11.60
CA ASP A 994 -11.15 -12.16 12.01
C ASP A 994 -11.47 -10.95 12.88
N ILE A 995 -12.54 -10.22 12.54
CA ILE A 995 -12.98 -9.12 13.39
C ILE A 995 -13.51 -9.66 14.72
N GLN A 996 -14.24 -10.77 14.68
CA GLN A 996 -14.76 -11.37 15.90
C GLN A 996 -13.64 -11.81 16.83
N TYR A 997 -12.46 -12.12 16.28
CA TYR A 997 -11.32 -12.47 17.13
C TYR A 997 -10.95 -11.31 18.04
N LEU A 998 -10.96 -10.08 17.51
CA LEU A 998 -10.68 -8.92 18.33
C LEU A 998 -11.81 -8.64 19.31
N LYS A 999 -13.05 -8.94 18.92
CA LYS A 999 -14.17 -8.76 19.82
C LYS A 999 -14.05 -9.67 21.03
N ASP A 1000 -13.62 -10.92 20.82
CA ASP A 1000 -13.51 -11.86 21.93
C ASP A 1000 -12.23 -11.66 22.73
N SER A 1001 -11.12 -11.34 22.04
CA SER A 1001 -9.86 -11.11 22.73
C SER A 1001 -9.94 -9.91 23.67
N LEU A 1002 -10.70 -8.90 23.29
CA LEU A 1002 -10.89 -7.72 24.13
C LEU A 1002 -12.13 -7.80 25.00
N ALA A 1003 -12.92 -8.87 24.86
CA ALA A 1003 -14.11 -9.08 25.67
C ALA A 1003 -15.04 -7.86 25.62
N LEU A 1004 -15.33 -7.41 24.39
CA LEU A 1004 -16.17 -6.24 24.21
C LEU A 1004 -17.63 -6.52 24.50
N GLY A 1005 -18.05 -7.79 24.47
CA GLY A 1005 -19.41 -8.13 24.82
C GLY A 1005 -19.71 -8.13 26.31
N LYS A 1006 -18.68 -8.13 27.15
CA LYS A 1006 -18.83 -8.14 28.60
C LYS A 1006 -18.57 -6.76 29.17
N THR A 1007 -19.08 -6.54 30.39
CA THR A 1007 -18.79 -5.31 31.10
C THR A 1007 -17.32 -5.28 31.52
N GLU A 1008 -16.89 -4.10 31.99
CA GLU A 1008 -15.50 -3.94 32.40
C GLU A 1008 -15.17 -4.85 33.58
N GLU A 1009 -16.11 -5.01 34.51
CA GLU A 1009 -15.89 -5.88 35.65
C GLU A 1009 -15.71 -7.33 35.22
N GLU A 1010 -16.63 -7.84 34.40
CA GLU A 1010 -16.57 -9.24 33.99
C GLU A 1010 -15.38 -9.51 33.09
N ALA A 1011 -15.02 -8.53 32.23
CA ALA A 1011 -13.87 -8.72 31.37
C ALA A 1011 -12.57 -8.73 32.16
N LEU A 1012 -12.48 -7.90 33.20
CA LEU A 1012 -11.28 -7.88 34.04
C LEU A 1012 -11.16 -9.16 34.86
N LYS A 1013 -12.29 -9.71 35.31
CA LYS A 1013 -12.25 -10.95 36.07
C LYS A 1013 -11.82 -12.12 35.19
N HIS A 1014 -12.33 -12.18 33.96
CA HIS A 1014 -11.90 -13.23 33.03
C HIS A 1014 -10.44 -13.05 32.64
N PHE A 1015 -9.98 -11.80 32.52
CA PHE A 1015 -8.57 -11.57 32.23
C PHE A 1015 -7.70 -12.00 33.41
N ARG A 1016 -8.18 -11.76 34.64
CA ARG A 1016 -7.47 -12.25 35.82
C ARG A 1016 -7.30 -13.76 35.76
N VAL A 1017 -8.37 -14.47 35.41
CA VAL A 1017 -8.30 -15.93 35.36
C VAL A 1017 -7.34 -16.38 34.27
N LYS A 1018 -7.36 -15.71 33.12
CA LYS A 1018 -6.45 -16.05 32.04
C LYS A 1018 -4.99 -15.80 32.44
N PHE A 1019 -4.73 -14.67 33.11
CA PHE A 1019 -3.38 -14.40 33.60
C PHE A 1019 -2.93 -15.47 34.59
N ASN A 1020 -3.81 -15.84 35.52
CA ASN A 1020 -3.44 -16.84 36.53
C ASN A 1020 -3.11 -18.18 35.88
N GLU A 1021 -3.93 -18.62 34.93
CA GLU A 1021 -3.63 -19.86 34.22
C GLU A 1021 -2.36 -19.74 33.39
N ALA A 1022 -2.06 -18.55 32.87
CA ALA A 1022 -0.80 -18.35 32.17
C ALA A 1022 0.39 -18.46 33.13
N LEU A 1023 0.23 -17.97 34.36
CA LEU A 1023 1.28 -18.12 35.36
C LEU A 1023 1.51 -19.59 35.69
N ARG A 1024 0.42 -20.34 35.88
CA ARG A 1024 0.55 -21.76 36.16
C ARG A 1024 1.15 -22.52 34.97
N GLU A 1025 0.84 -22.07 33.75
CA GLU A 1025 1.38 -22.74 32.56
C GLU A 1025 2.85 -22.40 32.33
N SER A 1026 3.31 -21.26 32.82
CA SER A 1026 4.70 -20.87 32.60
C SER A 1026 5.66 -21.83 33.29
N TRP A 1027 5.29 -22.33 34.47
CA TRP A 1027 6.14 -23.26 35.19
C TRP A 1027 6.17 -24.62 34.49
N LYS A 1028 4.99 -25.12 34.09
CA LYS A 1028 4.93 -26.38 33.36
C LYS A 1028 5.57 -26.28 31.98
N THR A 1029 5.77 -25.07 31.46
CA THR A 1029 6.33 -24.91 30.12
C THR A 1029 7.74 -25.46 30.04
N LYS A 1030 8.59 -25.13 31.02
CA LYS A 1030 9.99 -25.53 31.00
C LYS A 1030 10.31 -26.69 31.92
N VAL A 1031 9.39 -27.08 32.81
CA VAL A 1031 9.64 -28.24 33.66
C VAL A 1031 9.82 -29.49 32.80
N ASN A 1032 9.05 -29.59 31.72
CA ASN A 1032 9.22 -30.67 30.76
C ASN A 1032 10.52 -30.53 29.99
C ACE B 1 -40.31 -38.47 7.43
O ACE B 1 -40.09 -38.34 6.22
CH3 ACE B 1 -39.85 -39.66 8.18
N MET B 2 -40.97 -37.54 8.12
CA MET B 2 -41.43 -36.29 7.53
C MET B 2 -40.23 -35.47 7.02
N TYR B 3 -39.22 -35.24 7.85
CA TYR B 3 -38.01 -34.55 7.40
C TYR B 3 -36.99 -35.55 6.88
N GLN B 4 -36.61 -35.40 5.61
CA GLN B 4 -35.67 -36.31 4.94
C GLN B 4 -34.58 -35.47 4.28
N GLN B 5 -33.64 -34.99 5.09
CA GLN B 5 -32.58 -34.14 4.56
C GLN B 5 -31.58 -34.97 3.77
N ASP B 6 -30.89 -34.30 2.85
CA ASP B 6 -29.96 -34.96 1.92
C ASP B 6 -28.62 -35.18 2.62
N GLN B 7 -28.57 -36.21 3.45
CA GLN B 7 -27.35 -36.58 4.14
C GLN B 7 -26.50 -37.46 3.24
N VAL B 8 -25.33 -36.96 2.84
CA VAL B 8 -24.43 -37.72 1.99
C VAL B 8 -23.11 -37.94 2.74
N VAL B 9 -23.13 -38.87 3.69
CA VAL B 9 -21.97 -39.24 4.48
C VAL B 9 -21.97 -40.75 4.59
N LYS B 10 -20.79 -41.35 4.78
CA LYS B 10 -20.71 -42.77 5.08
C LYS B 10 -21.34 -43.07 6.44
N GLU B 11 -22.65 -42.82 6.57
CA GLU B 11 -23.37 -42.98 7.83
C GLU B 11 -23.13 -44.36 8.44
N ASP B 12 -22.22 -44.42 9.41
CA ASP B 12 -21.79 -45.66 10.04
C ASP B 12 -21.10 -45.34 11.36
N ASN B 13 -20.06 -46.11 11.69
CA ASN B 13 -19.31 -45.85 12.89
C ASN B 13 -18.60 -44.51 12.79
N ILE B 14 -18.41 -43.87 13.94
CA ILE B 14 -17.77 -42.56 13.99
C ILE B 14 -16.34 -42.65 13.49
N GLU B 15 -15.66 -43.77 13.77
CA GLU B 15 -14.26 -43.90 13.36
C GLU B 15 -14.11 -43.94 11.85
N ALA B 16 -15.08 -44.53 11.14
CA ALA B 16 -14.98 -44.59 9.68
C ALA B 16 -15.22 -43.22 9.05
N VAL B 17 -16.21 -42.47 9.54
CA VAL B 17 -16.47 -41.14 9.01
C VAL B 17 -15.30 -40.22 9.32
N GLY B 18 -14.70 -40.36 10.50
CA GLY B 18 -13.53 -39.57 10.83
C GLY B 18 -12.33 -39.93 9.98
N LYS B 19 -12.20 -41.20 9.60
CA LYS B 19 -11.12 -41.60 8.71
C LYS B 19 -11.25 -40.94 7.36
N LYS B 20 -12.45 -40.97 6.77
CA LYS B 20 -12.67 -40.31 5.49
C LYS B 20 -12.66 -38.79 5.63
N LEU B 21 -12.98 -38.26 6.80
CA LEU B 21 -12.79 -36.83 7.04
C LEU B 21 -11.33 -36.45 6.92
N HIS B 22 -10.43 -37.31 7.40
CA HIS B 22 -9.00 -37.05 7.26
C HIS B 22 -8.58 -37.14 5.79
N GLU B 23 -9.09 -38.14 5.08
CA GLU B 23 -8.71 -38.31 3.68
C GLU B 23 -9.24 -37.17 2.82
N TYR B 24 -10.47 -36.72 3.05
CA TYR B 24 -11.01 -35.61 2.28
C TYR B 24 -10.29 -34.31 2.59
N ASN B 25 -9.95 -34.08 3.86
CA ASN B 25 -9.21 -32.88 4.22
C ASN B 25 -7.80 -32.90 3.64
N THR B 26 -7.19 -34.08 3.57
CA THR B 26 -5.88 -34.21 2.95
C THR B 26 -5.95 -33.86 1.47
N GLN B 27 -6.93 -34.43 0.77
CA GLN B 27 -7.10 -34.13 -0.65
C GLN B 27 -7.42 -32.65 -0.87
N PHE B 28 -8.17 -32.05 0.04
CA PHE B 28 -8.53 -30.64 -0.12
C PHE B 28 -7.31 -29.75 0.02
N GLN B 29 -6.47 -30.00 1.03
CA GLN B 29 -5.25 -29.21 1.20
C GLN B 29 -4.28 -29.44 0.05
N GLU B 30 -4.28 -30.65 -0.52
CA GLU B 30 -3.44 -30.91 -1.70
C GLU B 30 -3.95 -30.15 -2.91
N LYS B 31 -5.26 -30.22 -3.17
CA LYS B 31 -5.83 -29.48 -4.29
C LYS B 31 -5.66 -27.97 -4.09
N SER B 32 -5.73 -27.50 -2.85
CA SER B 32 -5.54 -26.08 -2.60
C SER B 32 -4.11 -25.65 -2.88
N ARG B 33 -3.14 -26.49 -2.53
CA ARG B 33 -1.74 -26.16 -2.81
C ARG B 33 -1.49 -26.16 -4.31
N GLU B 34 -2.12 -27.07 -5.04
CA GLU B 34 -1.96 -27.10 -6.49
C GLU B 34 -2.57 -25.87 -7.15
N TYR B 35 -3.76 -25.46 -6.69
CA TYR B 35 -4.38 -24.26 -7.24
C TYR B 35 -3.56 -23.03 -6.89
N ASP B 36 -3.01 -22.97 -5.68
CA ASP B 36 -2.20 -21.82 -5.28
C ASP B 36 -0.93 -21.75 -6.13
N ARG B 37 -0.36 -22.89 -6.49
CA ARG B 37 0.78 -22.90 -7.41
C ARG B 37 0.38 -22.33 -8.76
N LEU B 38 -0.77 -22.76 -9.28
CA LEU B 38 -1.25 -22.29 -10.57
C LEU B 38 -1.57 -20.79 -10.52
N TYR B 39 -2.17 -20.34 -9.42
CA TYR B 39 -2.49 -18.92 -9.31
C TYR B 39 -1.23 -18.06 -9.21
N GLU B 40 -0.16 -18.60 -8.63
CA GLU B 40 1.12 -17.89 -8.65
C GLU B 40 1.64 -17.76 -10.07
N ASP B 41 1.57 -18.84 -10.86
CA ASP B 41 1.98 -18.77 -12.26
C ASP B 41 1.11 -17.79 -13.04
N TYR B 42 -0.18 -17.71 -12.69
CA TYR B 42 -1.07 -16.76 -13.34
C TYR B 42 -0.60 -15.33 -13.09
N THR B 43 -0.25 -15.00 -11.85
CA THR B 43 0.16 -13.64 -11.52
C THR B 43 1.49 -13.30 -12.17
N ARG B 44 2.45 -14.24 -12.15
CA ARG B 44 3.75 -13.98 -12.77
C ARG B 44 3.61 -13.82 -14.28
N THR B 45 2.84 -14.69 -14.92
CA THR B 45 2.65 -14.59 -16.36
C THR B 45 1.97 -13.28 -16.74
N SER B 46 1.00 -12.83 -15.94
CA SER B 46 0.36 -11.55 -16.21
C SER B 46 1.35 -10.40 -16.11
N GLN B 47 2.21 -10.43 -15.09
CA GLN B 47 3.24 -9.40 -14.96
C GLN B 47 4.19 -9.41 -16.15
N GLU B 48 4.62 -10.60 -16.59
CA GLU B 48 5.56 -10.69 -17.69
C GLU B 48 4.92 -10.25 -19.00
N ILE B 49 3.64 -10.58 -19.21
CA ILE B 49 2.96 -10.21 -20.44
C ILE B 49 2.84 -8.69 -20.54
N GLN B 50 2.50 -8.03 -19.44
CA GLN B 50 2.45 -6.57 -19.45
C GLN B 50 3.84 -5.97 -19.67
N MET B 51 4.86 -6.61 -19.13
CA MET B 51 6.23 -6.16 -19.38
C MET B 51 6.56 -6.23 -20.86
N LYS B 52 6.20 -7.34 -21.51
CA LYS B 52 6.46 -7.49 -22.93
C LYS B 52 5.63 -6.51 -23.75
N ARG B 53 4.43 -6.16 -23.27
CA ARG B 53 3.56 -5.28 -24.05
C ARG B 53 4.05 -3.83 -23.98
N THR B 54 4.53 -3.38 -22.83
CA THR B 54 5.12 -2.04 -22.76
C THR B 54 6.48 -1.99 -23.46
N ALA B 55 7.22 -3.11 -23.46
CA ALA B 55 8.46 -3.16 -24.23
C ALA B 55 8.19 -3.12 -25.72
N ILE B 56 7.04 -3.65 -26.16
CA ILE B 56 6.66 -3.52 -27.56
C ILE B 56 6.39 -2.07 -27.91
N GLU B 57 5.72 -1.33 -27.00
CA GLU B 57 5.51 0.09 -27.22
C GLU B 57 6.83 0.84 -27.26
N ALA B 58 7.80 0.42 -26.46
CA ALA B 58 9.10 1.08 -26.47
C ALA B 58 9.84 0.83 -27.77
N PHE B 59 9.71 -0.39 -28.32
CA PHE B 59 10.22 -0.64 -29.66
C PHE B 59 9.54 0.27 -30.67
N ASN B 60 8.21 0.39 -30.58
CA ASN B 60 7.45 1.26 -31.47
C ASN B 60 8.00 2.69 -31.42
N GLU B 61 8.22 3.20 -30.21
CA GLU B 61 8.74 4.56 -30.06
C GLU B 61 10.15 4.68 -30.62
N THR B 62 10.95 3.62 -30.53
CA THR B 62 12.31 3.66 -31.06
C THR B 62 12.30 3.70 -32.58
N ILE B 63 11.49 2.85 -33.21
CA ILE B 63 11.38 2.85 -34.67
C ILE B 63 10.79 4.17 -35.16
N LYS B 64 9.85 4.75 -34.41
CA LYS B 64 9.30 6.04 -34.78
C LYS B 64 10.39 7.11 -34.85
N ILE B 65 11.27 7.15 -33.85
CA ILE B 65 12.36 8.11 -33.85
C ILE B 65 13.29 7.87 -35.03
N PHE B 66 13.54 6.60 -35.37
CA PHE B 66 14.43 6.29 -36.46
C PHE B 66 13.83 6.70 -37.81
N GLU B 67 12.50 6.59 -37.95
CA GLU B 67 11.86 7.04 -39.17
C GLU B 67 11.84 8.56 -39.27
N GLU B 68 11.72 9.26 -38.13
CA GLU B 68 11.88 10.71 -38.12
C GLU B 68 13.27 11.10 -38.61
N GLN B 69 14.28 10.34 -38.19
CA GLN B 69 15.64 10.62 -38.65
C GLN B 69 15.78 10.43 -40.15
N CYS B 70 15.15 9.38 -40.70
CA CYS B 70 15.16 9.19 -42.14
C CYS B 70 14.54 10.38 -42.85
N GLN B 71 13.34 10.79 -42.42
CA GLN B 71 12.67 11.90 -43.08
C GLN B 71 13.50 13.17 -42.98
N THR B 72 14.02 13.48 -41.79
CA THR B 72 14.84 14.67 -41.62
C THR B 72 16.03 14.66 -42.57
N GLN B 73 16.66 13.49 -42.75
CA GLN B 73 17.79 13.40 -43.67
C GLN B 73 17.36 13.67 -45.10
N GLU B 74 16.26 13.06 -45.55
CA GLU B 74 15.82 13.23 -46.93
C GLU B 74 15.51 14.68 -47.26
N ARG B 75 15.07 15.47 -46.27
CA ARG B 75 14.85 16.88 -46.50
C ARG B 75 16.16 17.67 -46.38
N TYR B 76 16.89 17.47 -45.29
CA TYR B 76 18.09 18.27 -45.06
C TYR B 76 19.15 18.00 -46.12
N SER B 77 19.26 16.75 -46.59
CA SER B 77 20.30 16.39 -47.54
C SER B 77 20.13 17.13 -48.86
N LYS B 78 18.89 17.37 -49.30
CA LYS B 78 18.59 17.83 -50.64
C LYS B 78 19.44 19.01 -51.08
N GLU B 79 19.42 20.09 -50.30
CA GLU B 79 20.15 21.30 -50.67
C GLU B 79 21.63 21.03 -50.87
N TYR B 80 22.26 20.36 -49.89
CA TYR B 80 23.70 20.13 -49.96
C TYR B 80 24.07 19.21 -51.12
N ILE B 81 23.44 18.04 -51.18
CA ILE B 81 23.71 17.00 -52.17
C ILE B 81 23.77 17.61 -53.56
N GLU B 82 22.89 18.58 -53.84
CA GLU B 82 22.90 19.24 -55.13
C GLU B 82 24.12 20.14 -55.30
N LYS B 83 24.47 20.90 -54.25
CA LYS B 83 25.59 21.82 -54.36
C LYS B 83 26.90 21.08 -54.55
N PHE B 84 27.13 20.05 -53.72
CA PHE B 84 28.36 19.25 -53.81
C PHE B 84 28.55 18.68 -55.21
N LYS B 85 27.44 18.35 -55.88
CA LYS B 85 27.53 17.86 -57.26
C LYS B 85 28.09 18.93 -58.18
N ARG B 86 27.51 20.13 -58.14
CA ARG B 86 28.01 21.25 -58.93
C ARG B 86 29.18 21.89 -58.21
N GLU B 87 30.16 21.07 -57.82
CA GLU B 87 31.31 21.52 -57.05
C GLU B 87 32.37 20.43 -57.06
N GLY B 88 32.00 19.25 -57.58
CA GLY B 88 32.91 18.13 -57.62
C GLY B 88 33.05 17.36 -56.34
N ASN B 89 32.25 17.68 -55.32
CA ASN B 89 32.29 16.99 -54.03
C ASN B 89 31.44 15.73 -54.02
N GLU B 90 31.44 14.98 -55.13
CA GLU B 90 30.68 13.73 -55.18
C GLU B 90 31.21 12.69 -54.20
N THR B 91 32.47 12.80 -53.79
CA THR B 91 32.99 11.93 -52.74
C THR B 91 32.22 12.14 -51.44
N GLU B 92 31.83 13.38 -51.15
CA GLU B 92 31.08 13.67 -49.95
C GLU B 92 29.61 13.32 -50.09
N ILE B 93 29.06 13.44 -51.31
CA ILE B 93 27.74 12.89 -51.58
C ILE B 93 27.73 11.40 -51.26
N GLN B 94 28.77 10.69 -51.72
CA GLN B 94 28.93 9.28 -51.38
C GLN B 94 28.98 9.08 -49.87
N ARG B 95 29.61 10.02 -49.15
CA ARG B 95 29.68 9.92 -47.69
C ARG B 95 28.29 10.03 -47.08
N ILE B 96 27.52 11.03 -47.50
CA ILE B 96 26.18 11.23 -46.95
C ILE B 96 25.28 10.05 -47.30
N MET B 97 25.35 9.57 -48.55
CA MET B 97 24.49 8.48 -48.97
C MET B 97 24.84 7.19 -48.26
N HIS B 98 26.13 6.92 -48.05
CA HIS B 98 26.53 5.69 -47.36
C HIS B 98 26.15 5.74 -45.89
N ASN B 99 26.27 6.90 -45.26
CA ASN B 99 25.85 7.05 -43.87
C ASN B 99 24.35 6.81 -43.72
N TYR B 100 23.56 7.33 -44.66
CA TYR B 100 22.12 7.13 -44.62
C TYR B 100 21.75 5.67 -44.86
N GLU B 101 22.53 4.96 -45.67
CA GLU B 101 22.30 3.54 -45.87
C GLU B 101 22.56 2.75 -44.58
N LYS B 102 23.55 3.18 -43.80
CA LYS B 102 23.82 2.52 -42.52
C LYS B 102 22.65 2.72 -41.56
N LEU B 103 22.02 3.89 -41.59
CA LEU B 103 20.83 4.13 -40.79
C LEU B 103 19.69 3.20 -41.18
N LYS B 104 19.55 2.93 -42.48
CA LYS B 104 18.51 2.02 -42.95
C LYS B 104 18.69 0.63 -42.38
N SER B 105 19.91 0.08 -42.49
CA SER B 105 20.16 -1.27 -42.01
C SER B 105 19.96 -1.39 -40.50
N ARG B 106 20.25 -0.31 -39.76
CA ARG B 106 20.02 -0.33 -38.32
C ARG B 106 18.54 -0.44 -38.00
N ILE B 107 17.69 0.24 -38.78
CA ILE B 107 16.24 0.13 -38.59
C ILE B 107 15.79 -1.31 -38.76
N SER B 108 16.35 -1.99 -39.77
CA SER B 108 15.96 -3.38 -40.03
C SER B 108 16.32 -4.28 -38.84
N GLU B 109 17.42 -3.98 -38.17
CA GLU B 109 17.82 -4.77 -36.99
C GLU B 109 16.80 -4.61 -35.87
N ILE B 110 16.41 -3.36 -35.59
CA ILE B 110 15.45 -3.12 -34.52
C ILE B 110 14.09 -3.72 -34.88
N VAL B 111 13.72 -3.66 -36.17
CA VAL B 111 12.47 -4.28 -36.62
C VAL B 111 12.51 -5.78 -36.35
N ASP B 112 13.67 -6.41 -36.56
CA ASP B 112 13.79 -7.84 -36.34
C ASP B 112 13.65 -8.19 -34.87
N SER B 113 14.29 -7.41 -33.99
CA SER B 113 14.21 -7.67 -32.56
C SER B 113 12.79 -7.47 -32.04
N ARG B 114 12.08 -6.46 -32.55
CA ARG B 114 10.71 -6.23 -32.15
C ARG B 114 9.81 -7.39 -32.55
N ARG B 115 10.02 -7.94 -33.75
CA ARG B 115 9.22 -9.08 -34.18
C ARG B 115 9.49 -10.31 -33.32
N ARG B 116 10.73 -10.45 -32.82
CA ARG B 116 11.05 -11.58 -31.95
C ARG B 116 10.28 -11.48 -30.64
N LEU B 117 10.25 -10.28 -30.04
CA LEU B 117 9.48 -10.08 -28.82
C LEU B 117 7.99 -10.23 -29.06
N GLU B 118 7.52 -9.85 -30.25
CA GLU B 118 6.11 -10.08 -30.59
C GLU B 118 5.77 -11.56 -30.59
N GLU B 119 6.68 -12.40 -31.07
CA GLU B 119 6.44 -13.84 -31.06
C GLU B 119 6.48 -14.39 -29.64
N ASP B 120 7.38 -13.88 -28.81
CA ASP B 120 7.43 -14.30 -27.42
C ASP B 120 6.14 -13.95 -26.69
N LEU B 121 5.59 -12.77 -26.97
CA LEU B 121 4.33 -12.38 -26.35
C LEU B 121 3.19 -13.27 -26.81
N LYS B 122 3.16 -13.62 -28.09
CA LYS B 122 2.14 -14.53 -28.60
C LYS B 122 2.21 -15.88 -27.90
N LYS B 123 3.43 -16.40 -27.70
CA LYS B 123 3.58 -17.66 -26.99
C LYS B 123 3.12 -17.55 -25.54
N GLN B 124 3.52 -16.47 -24.85
CA GLN B 124 3.11 -16.31 -23.46
C GLN B 124 1.62 -16.04 -23.34
N ALA B 125 0.99 -15.48 -24.38
CA ALA B 125 -0.45 -15.26 -24.33
C ALA B 125 -1.19 -16.59 -24.33
N ALA B 126 -0.75 -17.54 -25.14
CA ALA B 126 -1.31 -18.89 -25.10
C ALA B 126 -0.95 -19.59 -23.79
N GLU B 127 0.22 -19.29 -23.24
CA GLU B 127 0.58 -19.82 -21.92
C GLU B 127 -0.39 -19.34 -20.86
N TYR B 128 -0.68 -18.04 -20.85
CA TYR B 128 -1.62 -17.48 -19.89
C TYR B 128 -3.00 -18.12 -20.01
N ARG B 129 -3.46 -18.36 -21.25
CA ARG B 129 -4.78 -18.93 -21.43
C ARG B 129 -4.85 -20.37 -20.96
N GLU B 130 -3.75 -21.12 -21.07
CA GLU B 130 -3.74 -22.50 -20.60
C GLU B 130 -3.63 -22.58 -19.09
N ILE B 131 -2.94 -21.63 -18.46
CA ILE B 131 -2.89 -21.58 -17.00
C ILE B 131 -4.27 -21.28 -16.43
N ASP B 132 -5.00 -20.36 -17.07
CA ASP B 132 -6.34 -20.03 -16.63
C ASP B 132 -7.31 -21.19 -16.87
N LYS B 133 -7.12 -21.93 -17.96
CA LYS B 133 -7.98 -23.08 -18.22
C LYS B 133 -7.74 -24.18 -17.20
N ARG B 134 -6.48 -24.42 -16.82
CA ARG B 134 -6.17 -25.43 -15.83
C ARG B 134 -6.76 -25.04 -14.47
N MET B 135 -6.70 -23.75 -14.12
CA MET B 135 -7.33 -23.29 -12.89
C MET B 135 -8.83 -23.52 -12.93
N ASN B 136 -9.47 -23.25 -14.07
CA ASN B 136 -10.91 -23.42 -14.19
C ASN B 136 -11.32 -24.89 -14.20
N SER B 137 -10.41 -25.80 -14.55
CA SER B 137 -10.67 -27.22 -14.46
C SER B 137 -10.34 -27.80 -13.10
N ILE B 138 -9.73 -27.00 -12.22
CA ILE B 138 -9.38 -27.43 -10.88
C ILE B 138 -10.40 -26.95 -9.85
N LYS B 139 -10.93 -25.74 -10.04
CA LYS B 139 -11.89 -25.18 -9.09
C LYS B 139 -13.07 -26.09 -8.78
N PRO B 140 -13.77 -26.68 -9.76
CA PRO B 140 -14.93 -27.53 -9.41
C PRO B 140 -14.61 -28.58 -8.37
N ASP B 141 -13.49 -29.30 -8.53
CA ASP B 141 -13.06 -30.25 -7.52
C ASP B 141 -12.81 -29.56 -6.19
N LEU B 142 -11.96 -28.52 -6.21
CA LEU B 142 -11.56 -27.83 -4.98
C LEU B 142 -12.76 -27.43 -4.14
N ILE B 143 -13.80 -26.87 -4.77
CA ILE B 143 -14.98 -26.47 -4.01
C ILE B 143 -15.77 -27.70 -3.54
N GLN B 144 -15.84 -28.73 -4.38
CA GLN B 144 -16.52 -29.96 -3.97
C GLN B 144 -15.80 -30.63 -2.80
N LEU B 145 -14.47 -30.63 -2.81
CA LEU B 145 -13.72 -31.18 -1.69
C LEU B 145 -13.95 -30.37 -0.41
N ARG B 146 -14.05 -29.05 -0.52
CA ARG B 146 -14.33 -28.24 0.66
C ARG B 146 -15.71 -28.53 1.23
N LYS B 147 -16.71 -28.65 0.35
CA LYS B 147 -18.07 -28.92 0.81
C LYS B 147 -18.18 -30.29 1.47
N THR B 148 -17.48 -31.28 0.92
CA THR B 148 -17.52 -32.61 1.50
C THR B 148 -16.85 -32.64 2.87
N ARG B 149 -15.71 -31.98 3.01
CA ARG B 149 -15.02 -31.92 4.29
C ARG B 149 -15.89 -31.26 5.35
N ASP B 150 -16.53 -30.13 5.00
CA ASP B 150 -17.41 -29.45 5.94
C ASP B 150 -18.61 -30.31 6.31
N GLN B 151 -19.13 -31.08 5.36
CA GLN B 151 -20.29 -31.93 5.64
C GLN B 151 -19.94 -33.04 6.62
N TYR B 152 -18.79 -33.67 6.44
CA TYR B 152 -18.34 -34.69 7.39
C TYR B 152 -18.07 -34.07 8.76
N LEU B 153 -17.56 -32.84 8.77
CA LEU B 153 -17.32 -32.13 10.02
C LEU B 153 -18.63 -31.90 10.76
N MET B 154 -19.69 -31.50 10.05
CA MET B 154 -20.96 -31.27 10.70
C MET B 154 -21.57 -32.57 11.22
N TRP B 155 -21.45 -33.65 10.45
CA TRP B 155 -21.97 -34.94 10.88
C TRP B 155 -21.30 -35.38 12.18
N LEU B 156 -19.97 -35.23 12.26
CA LEU B 156 -19.25 -35.59 13.48
C LEU B 156 -19.63 -34.67 14.64
N THR B 157 -19.83 -33.38 14.36
CA THR B 157 -20.19 -32.45 15.42
C THR B 157 -21.56 -32.78 16.01
N GLN B 158 -22.51 -33.21 15.16
CA GLN B 158 -23.83 -33.58 15.65
C GLN B 158 -23.76 -34.84 16.50
N LYS B 159 -22.96 -35.82 16.09
CA LYS B 159 -22.88 -37.08 16.82
C LYS B 159 -22.23 -36.89 18.19
N GLY B 160 -21.57 -35.77 18.43
CA GLY B 160 -20.99 -35.47 19.72
C GLY B 160 -19.49 -35.65 19.81
N VAL B 161 -18.78 -35.71 18.69
CA VAL B 161 -17.34 -35.92 18.72
C VAL B 161 -16.65 -34.69 19.29
N ARG B 162 -15.69 -34.93 20.19
CA ARG B 162 -14.97 -33.85 20.83
C ARG B 162 -14.04 -33.16 19.84
N GLN B 163 -13.63 -31.93 20.20
CA GLN B 163 -12.78 -31.15 19.33
C GLN B 163 -11.39 -31.75 19.19
N LYS B 164 -10.94 -32.52 20.18
CA LYS B 164 -9.62 -33.12 20.11
C LYS B 164 -9.54 -34.16 18.99
N LYS B 165 -10.53 -35.05 18.92
CA LYS B 165 -10.54 -36.05 17.86
C LYS B 165 -10.72 -35.41 16.49
N LEU B 166 -11.47 -34.31 16.42
CA LEU B 166 -11.61 -33.59 15.15
C LEU B 166 -10.28 -33.01 14.70
N ASN B 167 -9.54 -32.40 15.64
CA ASN B 167 -8.23 -31.87 15.31
C ASN B 167 -7.27 -32.96 14.87
N GLU B 168 -7.40 -34.15 15.48
CA GLU B 168 -6.56 -35.28 15.09
C GLU B 168 -6.81 -35.66 13.64
N TRP B 169 -8.06 -35.66 13.21
CA TRP B 169 -8.41 -36.04 11.85
C TRP B 169 -8.09 -34.93 10.83
N LEU B 170 -7.96 -33.69 11.28
CA LEU B 170 -7.69 -32.58 10.38
C LEU B 170 -6.20 -32.23 10.30
N GLY B 171 -5.33 -33.01 10.94
CA GLY B 171 -3.90 -32.78 10.89
C GLY B 171 -3.24 -33.43 9.69
N1 A1L62 C . 24.39 -11.19 11.90
N3 A1L62 C . 14.75 -10.03 11.83
C4 A1L62 C . 20.85 -9.98 8.86
C5 A1L62 C . 19.93 -9.58 7.91
C6 A1L62 C . 18.66 -9.15 8.31
C7 A1L62 C . 21.65 -10.44 11.21
C8 A1L62 C . 22.27 -11.77 10.75
C10 A1L62 C . 18.87 -11.19 14.03
C13 A1L62 C . 15.11 -7.54 12.70
C15 A1L62 C . 16.33 -5.23 15.15
C17 A1L62 C . 14.30 -5.24 13.13
CA A1L62 C . 23.82 -9.93 12.38
CB A1L62 C . 22.76 -9.40 11.41
CD A1L62 C . 18.79 -9.48 12.09
CE A1L62 C . 18.16 -10.76 12.73
C1 A1L62 C . 18.35 -9.15 9.67
C11 A1L62 C . 18.20 -11.97 11.79
C12 A1L62 C . 13.90 -9.05 11.51
C14 A1L62 C . 16.59 -5.93 13.82
C16 A1L62 C . 14.16 -4.59 14.52
C18 A1L62 C . 12.62 -10.06 9.52
C19 A1L62 C . 10.67 -9.25 9.89
C1A A1L62 C . 11.46 -8.76 10.92
C1B A1L62 C . 9.30 -8.91 9.83
C1C A1L62 C . 8.76 -8.07 10.80
C1D A1L62 C . 9.57 -7.58 11.83
C1E A1L62 C . 10.92 -7.92 11.90
C1F A1L62 C . 13.73 -10.82 8.90
C2 A1L62 C . 19.27 -9.56 10.66
C3 A1L62 C . 20.57 -9.98 10.24
C9 A1L62 C . 23.36 -12.22 11.72
CC A1L62 C . 25.44 -11.66 12.80
CF A1L62 C . 15.78 -9.68 12.60
F1 A1L62 C . 13.29 -11.58 7.86
F2 A1L62 C . 14.66 -9.97 8.37
N2 A1L62 C . 16.75 -10.54 13.07
N4 A1L62 C . 14.07 -7.79 11.93
N5 A1L62 C . 15.97 -8.46 13.06
N6 A1L62 C . 15.32 -6.27 13.16
N7 A1L62 C . 12.73 -9.27 10.68
N8 A1L62 C . 11.38 -10.04 9.05
O1 A1L62 C . 15.43 -4.13 14.99
#